data_3M1U
#
_entry.id   3M1U
#
_cell.length_a   59.337
_cell.length_b   54.465
_cell.length_c   122.982
_cell.angle_alpha   90.000
_cell.angle_beta   94.060
_cell.angle_gamma   90.000
#
_symmetry.space_group_name_H-M   'P 1 21 1'
#
loop_
_entity.id
_entity.type
_entity.pdbx_description
1 polymer 'Putative gamma-D-glutamyl-L-diamino acid endopeptidase'
2 non-polymer GLYCEROL
3 non-polymer 'ACETATE ION'
4 non-polymer '2-(N-MORPHOLINO)-ETHANESULFONIC ACID'
5 non-polymer 'CHLORIDE ION'
6 water water
#
_entity_poly.entity_id   1
_entity_poly.type   'polypeptide(L)'
_entity_poly.pdbx_seq_one_letter_code
;GSRPATPPVTPPSREGHVADLDRFPQDLRVYA(MSE)KAGADRQLLPFTEQAAQDARWNRRFFAPWR(MSE)TRISVPVK
DVAAPFGTDGRPRGYAENLLPWDVTRWGALASGAALDLYPSQAWKGIVVSNSALREVPTLRP(MSE)FTAPTRAGQGYPF
D(MSE)FQRTAVW(MSE)GTPVFVGHATADRAWLYVETAFAAGW(MSE)PAADVARVDDAF(MSE)TRYESGSLAAILRD
DTSLNGADGTHLATAHIGTVLPLSGASQVGRTVLVPVRAPEGHAVVVPVLLTSGEAAQKPVPLTPGN(MSE)AELGNR
(MSE)(MSE)GQPYGWGGLYEDRDCSSTLRDLFTPFGLWLPRNSASQAKAGRYVDIAKLDADDKEARIVAEGVPF(MSE)
TLLWLRGHITLYLGLHEGQAA(MSE)FHN(MSE)WGIRTHRGGVEGRYVLGRAVVTSTRPGLDVPGNDNADGLLGR
(MSE)QG(MSE)SILPGGAQ
;
_entity_poly.pdbx_strand_id   A,B
#
# COMPACT_ATOMS: atom_id res chain seq x y z
N SER A 2 8.58 24.61 -46.55
CA SER A 2 8.79 23.18 -46.21
C SER A 2 7.80 22.77 -45.12
N ARG A 3 6.52 22.65 -45.51
CA ARG A 3 5.35 22.54 -44.59
C ARG A 3 5.48 21.61 -43.35
N PRO A 4 5.32 22.19 -42.13
CA PRO A 4 5.29 21.33 -40.92
C PRO A 4 3.96 20.54 -40.79
N ALA A 5 4.01 19.46 -40.01
CA ALA A 5 2.87 18.54 -39.83
C ALA A 5 1.64 19.22 -39.17
N THR A 6 0.46 19.04 -39.79
CA THR A 6 -0.80 19.49 -39.18
C THR A 6 -0.91 18.94 -37.75
N PRO A 7 -1.15 19.84 -36.77
CA PRO A 7 -1.16 19.31 -35.38
C PRO A 7 -2.38 18.38 -35.17
N PRO A 8 -2.20 17.27 -34.43
CA PRO A 8 -3.34 16.36 -34.22
C PRO A 8 -4.38 16.98 -33.29
N VAL A 9 -5.67 16.86 -33.63
CA VAL A 9 -6.75 17.44 -32.80
C VAL A 9 -7.74 16.37 -32.30
N THR A 10 -7.83 15.23 -32.99
CA THR A 10 -8.67 14.11 -32.52
C THR A 10 -7.89 13.17 -31.59
N PRO A 11 -8.44 12.92 -30.37
CA PRO A 11 -7.74 11.97 -29.49
C PRO A 11 -7.74 10.57 -30.08
N PRO A 12 -6.72 9.76 -29.73
CA PRO A 12 -6.82 8.35 -30.14
C PRO A 12 -8.15 7.77 -29.64
N SER A 13 -8.60 6.72 -30.33
CA SER A 13 -9.92 6.14 -30.12
C SER A 13 -10.16 5.68 -28.70
N ARG A 14 -9.11 5.33 -27.98
CA ARG A 14 -9.33 4.94 -26.60
C ARG A 14 -8.23 5.40 -25.67
N GLU A 15 -8.61 5.59 -24.40
CA GLU A 15 -7.72 6.04 -23.37
C GLU A 15 -6.50 5.13 -23.30
N GLY A 16 -5.33 5.74 -23.15
CA GLY A 16 -4.13 4.96 -23.01
C GLY A 16 -3.53 4.41 -24.31
N HIS A 17 -4.19 4.69 -25.43
CA HIS A 17 -3.73 4.22 -26.73
C HIS A 17 -3.05 5.30 -27.55
N VAL A 18 -2.03 4.92 -28.31
CA VAL A 18 -1.40 5.77 -29.31
C VAL A 18 -1.14 4.92 -30.56
N ALA A 19 -1.01 5.57 -31.71
CA ALA A 19 -0.86 4.88 -32.99
C ALA A 19 0.34 3.92 -33.02
N ASP A 20 1.44 4.29 -32.36
CA ASP A 20 2.62 3.42 -32.31
C ASP A 20 2.27 2.01 -31.78
N LEU A 21 1.25 1.90 -30.92
CA LEU A 21 0.91 0.61 -30.33
C LEU A 21 0.27 -0.34 -31.35
N ASP A 22 -0.21 0.23 -32.46
CA ASP A 22 -0.69 -0.54 -33.60
C ASP A 22 0.43 -0.74 -34.61
N ARG A 23 1.31 0.25 -34.79
CA ARG A 23 2.40 0.12 -35.78
C ARG A 23 3.45 -0.90 -35.35
N PHE A 24 3.72 -0.97 -34.04
CA PHE A 24 4.70 -1.87 -33.48
C PHE A 24 4.03 -2.99 -32.70
N PRO A 25 4.32 -4.24 -33.07
CA PRO A 25 3.79 -5.35 -32.28
C PRO A 25 4.23 -5.28 -30.81
N GLN A 26 3.27 -5.48 -29.91
CA GLN A 26 3.54 -5.47 -28.48
C GLN A 26 3.98 -6.90 -28.07
N ASP A 27 5.08 -7.34 -28.68
CA ASP A 27 5.49 -8.74 -28.64
C ASP A 27 6.96 -8.74 -29.04
N LEU A 28 7.81 -8.93 -28.04
CA LEU A 28 9.24 -8.85 -28.27
C LEU A 28 9.81 -9.94 -29.19
N ARG A 29 9.06 -11.04 -29.39
CA ARG A 29 9.55 -12.11 -30.27
C ARG A 29 9.72 -11.64 -31.70
N VAL A 30 8.90 -10.70 -32.12
CA VAL A 30 8.99 -10.15 -33.46
C VAL A 30 10.38 -9.57 -33.71
N TYR A 31 10.87 -8.77 -32.76
CA TYR A 31 12.17 -8.11 -32.88
C TYR A 31 13.28 -9.09 -32.62
N ALA A 32 13.02 -10.04 -31.72
CA ALA A 32 14.03 -11.08 -31.46
C ALA A 32 14.32 -11.92 -32.71
N LYS A 34 14.01 -11.09 -35.84
CA LYS A 34 14.86 -10.37 -36.74
C LYS A 34 16.34 -10.32 -36.26
N ALA A 35 16.55 -10.20 -34.95
CA ALA A 35 17.90 -10.07 -34.43
C ALA A 35 18.67 -11.38 -34.47
N GLY A 36 17.95 -12.50 -34.59
CA GLY A 36 18.54 -13.84 -34.40
C GLY A 36 18.19 -14.35 -33.01
N ALA A 37 17.05 -15.04 -32.90
CA ALA A 37 16.45 -15.30 -31.61
C ALA A 37 17.36 -16.11 -30.70
N ASP A 38 18.12 -17.04 -31.28
CA ASP A 38 18.95 -17.89 -30.46
C ASP A 38 20.41 -17.53 -30.56
N ARG A 39 20.72 -16.36 -31.10
CA ARG A 39 22.11 -15.91 -31.20
C ARG A 39 22.61 -15.35 -29.86
N GLN A 40 23.74 -15.86 -29.37
CA GLN A 40 24.30 -15.41 -28.10
C GLN A 40 24.90 -14.01 -28.24
N LEU A 41 24.40 -13.07 -27.45
CA LEU A 41 24.77 -11.66 -27.58
C LEU A 41 26.14 -11.28 -27.01
N LEU A 42 26.70 -12.09 -26.12
CA LEU A 42 28.04 -11.87 -25.56
C LEU A 42 28.81 -13.19 -25.63
N PRO A 43 30.13 -13.12 -25.81
CA PRO A 43 30.90 -14.34 -25.55
C PRO A 43 30.62 -14.84 -24.13
N PHE A 44 30.67 -16.17 -23.98
CA PHE A 44 30.43 -16.81 -22.73
C PHE A 44 31.21 -16.29 -21.54
N THR A 45 32.54 -16.18 -21.69
CA THR A 45 33.39 -15.72 -20.62
C THR A 45 33.06 -14.31 -20.20
N GLU A 46 32.64 -13.46 -21.14
CA GLU A 46 32.26 -12.11 -20.78
CA GLU A 46 32.25 -12.11 -20.78
C GLU A 46 30.95 -12.16 -19.99
N GLN A 47 30.01 -12.98 -20.43
CA GLN A 47 28.76 -13.08 -19.65
C GLN A 47 29.05 -13.64 -18.27
N ALA A 48 29.96 -14.60 -18.18
CA ALA A 48 30.32 -15.16 -16.85
C ALA A 48 30.91 -14.10 -15.93
N ALA A 49 31.77 -13.25 -16.48
CA ALA A 49 32.39 -12.18 -15.71
C ALA A 49 31.30 -11.22 -15.23
N GLN A 50 30.35 -10.93 -16.11
CA GLN A 50 29.22 -10.03 -15.78
C GLN A 50 28.43 -10.65 -14.63
N ASP A 51 28.14 -11.94 -14.74
CA ASP A 51 27.35 -12.60 -13.71
C ASP A 51 28.08 -12.65 -12.36
N ALA A 52 29.39 -12.84 -12.39
CA ALA A 52 30.18 -12.86 -11.14
C ALA A 52 30.14 -11.48 -10.51
N ARG A 53 30.15 -10.44 -11.33
CA ARG A 53 30.04 -9.07 -10.84
C ARG A 53 28.66 -8.82 -10.26
N TRP A 54 27.62 -9.35 -10.92
CA TRP A 54 26.24 -9.21 -10.42
C TRP A 54 26.19 -9.72 -8.97
N ASN A 55 26.72 -10.91 -8.77
CA ASN A 55 26.75 -11.53 -7.44
C ASN A 55 27.59 -10.78 -6.40
N ARG A 56 28.76 -10.32 -6.81
CA ARG A 56 29.63 -9.47 -6.00
CA ARG A 56 29.59 -9.52 -5.91
C ARG A 56 28.83 -8.27 -5.49
N ARG A 57 28.12 -7.61 -6.41
CA ARG A 57 27.43 -6.40 -6.02
C ARG A 57 26.27 -6.75 -5.07
N PHE A 58 25.54 -7.79 -5.44
CA PHE A 58 24.31 -8.17 -4.74
C PHE A 58 24.58 -8.46 -3.26
N PHE A 59 25.68 -9.15 -2.99
CA PHE A 59 26.02 -9.55 -1.64
C PHE A 59 26.93 -8.55 -0.92
N ALA A 60 27.25 -7.43 -1.56
CA ALA A 60 28.13 -6.42 -0.94
C ALA A 60 27.70 -5.96 0.48
N PRO A 61 26.38 -5.78 0.73
CA PRO A 61 25.99 -5.37 2.10
C PRO A 61 26.43 -6.35 3.19
N TRP A 62 26.57 -7.64 2.86
CA TRP A 62 26.97 -8.63 3.83
C TRP A 62 28.46 -8.60 4.09
N ARG A 63 29.18 -7.81 3.31
CA ARG A 63 30.63 -7.64 3.55
C ARG A 63 30.93 -6.35 4.32
N THR A 65 30.83 -3.65 7.57
CA THR A 65 30.91 -3.76 9.02
CA THR A 65 30.97 -3.72 9.03
C THR A 65 30.10 -2.64 9.69
N ARG A 66 29.83 -1.60 8.93
CA ARG A 66 28.94 -0.52 9.37
C ARG A 66 28.23 0.02 8.13
N ILE A 67 27.08 0.67 8.34
CA ILE A 67 26.35 1.24 7.22
C ILE A 67 27.17 2.36 6.60
N SER A 68 27.10 2.49 5.28
CA SER A 68 27.96 3.47 4.59
C SER A 68 27.30 4.85 4.48
N VAL A 69 25.99 4.95 4.72
CA VAL A 69 25.25 6.21 4.53
C VAL A 69 25.52 7.13 5.72
N PRO A 70 25.99 8.33 5.44
CA PRO A 70 26.23 9.30 6.50
C PRO A 70 24.90 9.88 7.01
N VAL A 71 24.88 10.29 8.28
CA VAL A 71 23.66 10.77 8.93
C VAL A 71 22.99 11.94 8.17
N LYS A 72 23.79 12.80 7.57
CA LYS A 72 23.21 13.95 6.86
C LYS A 72 22.25 13.50 5.74
N ASP A 73 22.58 12.41 5.05
CA ASP A 73 21.72 11.87 4.01
C ASP A 73 20.43 11.21 4.54
N VAL A 74 20.49 10.73 5.78
CA VAL A 74 19.34 10.16 6.44
C VAL A 74 18.44 11.28 6.91
N ALA A 75 19.04 12.34 7.47
CA ALA A 75 18.30 13.51 7.97
C ALA A 75 17.60 14.35 6.89
N ALA A 76 18.18 14.46 5.70
CA ALA A 76 17.73 15.45 4.71
C ALA A 76 16.26 15.31 4.34
N PRO A 77 15.78 14.07 4.12
CA PRO A 77 14.38 13.90 3.70
C PRO A 77 13.33 14.29 4.77
N PHE A 78 13.75 14.51 6.00
CA PHE A 78 12.83 14.92 7.07
C PHE A 78 12.48 16.42 6.97
N GLY A 79 13.02 17.09 5.97
CA GLY A 79 12.50 18.41 5.57
C GLY A 79 13.47 19.52 5.89
N THR A 80 13.36 20.61 5.12
CA THR A 80 14.20 21.80 5.34
C THR A 80 13.83 22.39 6.71
N ASP A 81 14.83 22.52 7.57
CA ASP A 81 14.61 22.87 8.97
C ASP A 81 13.56 21.95 9.58
N GLY A 82 13.49 20.71 9.07
CA GLY A 82 12.51 19.72 9.53
C GLY A 82 11.03 19.98 9.23
N ARG A 83 10.76 20.96 8.37
CA ARG A 83 9.37 21.36 8.05
C ARG A 83 8.70 20.36 7.10
N PRO A 84 7.38 20.15 7.22
CA PRO A 84 6.69 19.17 6.34
C PRO A 84 6.89 19.45 4.88
N ARG A 85 6.82 18.39 4.09
CA ARG A 85 7.00 18.43 2.66
C ARG A 85 5.67 18.01 2.01
N GLY A 86 5.14 18.85 1.15
CA GLY A 86 4.05 18.40 0.30
C GLY A 86 2.79 17.87 0.99
N TYR A 87 2.10 17.03 0.25
CA TYR A 87 0.75 16.59 0.54
C TYR A 87 0.66 15.11 0.88
N ALA A 88 -0.29 14.77 1.74
CA ALA A 88 -0.42 13.40 2.20
C ALA A 88 -1.60 12.67 1.54
N GLU A 89 -2.01 11.54 2.11
CA GLU A 89 -3.01 10.67 1.45
C GLU A 89 -4.43 11.25 1.45
N ASN A 90 -4.64 12.35 2.19
CA ASN A 90 -5.89 13.09 2.17
C ASN A 90 -5.79 14.29 1.28
N LEU A 91 -4.72 14.34 0.47
CA LEU A 91 -4.50 15.43 -0.47
C LEU A 91 -4.48 16.82 0.15
N LEU A 92 -4.06 16.89 1.40
CA LEU A 92 -3.82 18.13 2.11
C LEU A 92 -2.38 18.16 2.56
N PRO A 93 -1.85 19.36 2.82
CA PRO A 93 -0.47 19.42 3.33
C PRO A 93 -0.23 18.51 4.49
N TRP A 94 0.93 17.84 4.50
CA TRP A 94 1.30 16.96 5.61
C TRP A 94 1.16 17.66 6.97
N ASP A 95 0.61 16.94 7.91
CA ASP A 95 0.28 17.49 9.21
C ASP A 95 1.58 17.78 9.96
N VAL A 96 1.67 18.99 10.55
CA VAL A 96 2.88 19.42 11.24
C VAL A 96 3.27 18.51 12.39
N THR A 97 2.29 18.14 13.20
CA THR A 97 2.55 17.32 14.39
C THR A 97 2.98 15.91 14.05
N ARG A 98 2.22 15.26 13.17
CA ARG A 98 2.54 13.91 12.71
C ARG A 98 3.88 13.87 11.98
N TRP A 99 4.17 14.91 11.18
CA TRP A 99 5.49 15.02 10.52
C TRP A 99 6.63 15.09 11.55
N GLY A 100 6.46 15.93 12.57
CA GLY A 100 7.48 16.06 13.62
C GLY A 100 7.66 14.75 14.35
N ALA A 101 6.57 14.04 14.60
CA ALA A 101 6.62 12.72 15.26
C ALA A 101 7.48 11.71 14.49
N LEU A 102 7.47 11.77 13.16
CA LEU A 102 8.31 10.86 12.37
C LEU A 102 9.78 11.13 12.65
N ALA A 103 10.14 12.40 12.67
CA ALA A 103 11.52 12.77 12.92
C ALA A 103 11.93 12.42 14.35
N SER A 104 11.09 12.76 15.31
CA SER A 104 11.53 12.58 16.67
C SER A 104 11.60 11.09 16.94
N GLY A 105 10.78 10.27 16.29
CA GLY A 105 10.86 8.81 16.51
C GLY A 105 12.00 8.10 15.81
N ALA A 106 12.63 8.79 14.88
CA ALA A 106 13.68 8.24 14.05
C ALA A 106 15.02 8.18 14.79
N ALA A 107 15.14 8.89 15.93
CA ALA A 107 16.29 8.73 16.84
C ALA A 107 17.62 8.95 16.10
N LEU A 108 17.65 10.00 15.27
CA LEU A 108 18.81 10.25 14.44
C LEU A 108 20.00 10.70 15.28
N ASP A 109 19.73 11.11 16.53
CA ASP A 109 20.81 11.50 17.43
C ASP A 109 21.65 10.28 17.81
N LEU A 110 21.11 9.08 17.60
CA LEU A 110 21.81 7.83 17.90
C LEU A 110 22.34 7.10 16.64
N TYR A 111 22.22 7.72 15.48
CA TYR A 111 22.56 7.07 14.20
C TYR A 111 24.05 6.94 14.05
N PRO A 112 24.54 5.77 13.60
CA PRO A 112 23.85 4.51 13.32
C PRO A 112 23.77 3.68 14.57
N SER A 113 22.56 3.33 15.00
CA SER A 113 22.39 2.60 16.25
C SER A 113 22.54 1.09 16.08
N GLN A 114 22.55 0.60 14.85
CA GLN A 114 22.58 -0.85 14.57
C GLN A 114 23.76 -1.20 13.68
N ALA A 115 24.22 -2.44 13.76
CA ALA A 115 25.19 -2.95 12.79
C ALA A 115 24.95 -4.44 12.69
N TRP A 116 24.02 -4.86 11.83
CA TRP A 116 23.81 -6.29 11.63
C TRP A 116 23.34 -6.56 10.24
N LYS A 117 23.40 -7.83 9.85
CA LYS A 117 23.06 -8.23 8.48
C LYS A 117 21.74 -8.95 8.41
N GLY A 118 21.01 -8.72 7.33
CA GLY A 118 19.71 -9.26 7.17
C GLY A 118 19.42 -9.69 5.76
N ILE A 119 18.22 -10.21 5.56
CA ILE A 119 17.71 -10.54 4.23
C ILE A 119 16.25 -10.19 4.17
N VAL A 120 15.81 -9.68 3.02
CA VAL A 120 14.43 -9.29 2.87
C VAL A 120 13.59 -10.53 2.59
N VAL A 121 12.58 -10.78 3.41
CA VAL A 121 11.81 -12.04 3.34
C VAL A 121 10.53 -11.94 2.49
N SER A 122 10.07 -10.73 2.24
CA SER A 122 8.86 -10.46 1.48
CA SER A 122 8.95 -10.53 1.35
CA SER A 122 8.87 -10.48 1.44
C SER A 122 9.12 -9.21 0.66
N ASN A 123 8.52 -9.11 -0.52
CA ASN A 123 8.72 -7.87 -1.28
C ASN A 123 8.37 -6.67 -0.40
N SER A 124 9.25 -5.68 -0.42
CA SER A 124 9.16 -4.55 0.46
C SER A 124 9.57 -3.28 -0.30
N ALA A 125 9.89 -2.23 0.46
CA ALA A 125 10.23 -0.93 -0.11
C ALA A 125 11.22 -0.18 0.79
N LEU A 126 12.06 0.59 0.16
CA LEU A 126 12.87 1.58 0.80
C LEU A 126 12.12 2.89 0.65
N ARG A 127 11.92 3.55 1.78
CA ARG A 127 11.19 4.81 1.88
C ARG A 127 12.12 5.94 2.32
N GLU A 128 11.85 7.13 1.86
CA GLU A 128 12.64 8.32 2.21
CA GLU A 128 12.64 8.32 2.21
C GLU A 128 12.59 8.66 3.70
N VAL A 129 11.46 8.34 4.33
CA VAL A 129 11.19 8.55 5.77
C VAL A 129 10.40 7.33 6.23
N PRO A 130 10.38 7.04 7.54
CA PRO A 130 9.77 5.79 7.96
C PRO A 130 8.22 5.82 8.07
N THR A 131 7.59 5.87 6.91
CA THR A 131 6.11 5.73 6.80
C THR A 131 5.79 5.16 5.43
N LEU A 132 4.70 4.43 5.38
CA LEU A 132 4.13 3.97 4.12
C LEU A 132 3.05 4.94 3.61
N ARG A 133 2.77 6.01 4.38
CA ARG A 133 1.90 7.07 3.86
C ARG A 133 2.69 7.87 2.85
N PRO A 134 2.00 8.43 1.85
CA PRO A 134 2.64 9.07 0.73
C PRO A 134 2.97 10.51 0.90
N PHE A 136 2.99 13.73 -2.01
CA PHE A 136 2.81 14.24 -3.34
C PHE A 136 3.19 15.71 -3.32
N THR A 137 3.97 16.13 -4.31
CA THR A 137 4.39 17.54 -4.31
C THR A 137 3.27 18.51 -4.63
N ALA A 138 2.34 18.14 -5.52
CA ALA A 138 1.29 19.04 -5.96
C ALA A 138 0.19 18.23 -6.61
N PRO A 139 -0.75 17.72 -5.79
CA PRO A 139 -1.83 16.86 -6.24
C PRO A 139 -2.55 17.34 -7.50
N THR A 140 -2.71 18.64 -7.67
CA THR A 140 -3.45 19.12 -8.83
C THR A 140 -2.62 19.26 -10.12
N ARG A 141 -1.31 18.98 -10.07
CA ARG A 141 -0.44 19.31 -11.18
C ARG A 141 0.08 18.04 -11.85
N ALA A 142 0.19 18.12 -13.18
CA ALA A 142 0.69 17.03 -14.06
C ALA A 142 1.98 16.47 -13.54
N GLY A 143 2.01 15.16 -13.34
CA GLY A 143 3.24 14.52 -12.92
C GLY A 143 3.65 14.77 -11.47
N GLN A 144 2.79 15.43 -10.70
CA GLN A 144 3.14 15.76 -9.31
C GLN A 144 2.12 15.30 -8.28
N GLY A 145 1.06 14.67 -8.74
CA GLY A 145 0.07 14.09 -7.83
C GLY A 145 0.19 12.57 -7.78
N TYR A 146 -0.88 11.93 -7.36
CA TYR A 146 -0.97 10.48 -7.39
C TYR A 146 -0.75 10.06 -8.86
N PRO A 147 0.01 8.99 -9.10
CA PRO A 147 0.60 7.97 -8.19
C PRO A 147 2.11 8.21 -7.88
N PHE A 148 2.56 9.45 -7.94
CA PHE A 148 3.95 9.82 -7.72
C PHE A 148 4.21 10.10 -6.24
N ASP A 149 4.28 9.02 -5.46
CA ASP A 149 4.57 9.07 -4.02
C ASP A 149 6.05 9.27 -3.90
N PHE A 151 7.87 9.59 -1.38
CA PHE A 151 8.55 8.86 -0.31
C PHE A 151 8.96 7.44 -0.75
N GLN A 152 8.55 7.00 -1.93
CA GLN A 152 8.90 5.70 -2.44
C GLN A 152 10.25 5.80 -3.17
N ARG A 153 11.31 5.31 -2.55
CA ARG A 153 12.61 5.34 -3.21
CA ARG A 153 12.61 5.31 -3.22
C ARG A 153 12.71 4.19 -4.22
N THR A 154 12.37 2.98 -3.78
CA THR A 154 12.41 1.84 -4.65
C THR A 154 11.76 0.66 -3.96
N ALA A 155 11.19 -0.24 -4.75
CA ALA A 155 10.84 -1.58 -4.22
C ALA A 155 12.11 -2.36 -3.98
N VAL A 156 12.01 -3.35 -3.09
CA VAL A 156 13.07 -4.31 -2.90
C VAL A 156 12.43 -5.69 -2.95
N TRP A 157 12.94 -6.55 -3.81
CA TRP A 157 12.37 -7.88 -3.91
C TRP A 157 12.88 -8.76 -2.79
N GLY A 159 14.56 -11.83 -0.90
CA GLY A 159 15.87 -12.47 -1.14
C GLY A 159 17.03 -11.50 -1.25
N THR A 160 16.78 -10.20 -1.12
CA THR A 160 17.82 -9.19 -1.20
C THR A 160 18.60 -9.08 0.13
N PRO A 161 19.93 -9.20 0.06
CA PRO A 161 20.77 -8.89 1.20
C PRO A 161 20.70 -7.43 1.65
N VAL A 162 20.63 -7.22 2.96
CA VAL A 162 20.70 -5.87 3.53
C VAL A 162 21.70 -5.79 4.65
N PHE A 163 22.22 -4.59 4.87
CA PHE A 163 22.94 -4.27 6.07
C PHE A 163 22.07 -3.27 6.83
N VAL A 164 21.85 -3.53 8.11
CA VAL A 164 20.97 -2.73 8.94
C VAL A 164 21.83 -1.81 9.79
N GLY A 165 21.63 -0.50 9.63
CA GLY A 165 22.42 0.51 10.35
C GLY A 165 21.66 1.34 11.38
N HIS A 166 20.35 1.24 11.40
CA HIS A 166 19.59 2.03 12.35
C HIS A 166 18.19 1.49 12.49
N ALA A 167 17.53 1.96 13.55
CA ALA A 167 16.12 1.63 13.79
C ALA A 167 15.45 2.83 14.44
N THR A 168 14.16 2.96 14.20
CA THR A 168 13.39 3.96 14.93
C THR A 168 13.40 3.57 16.41
N ALA A 169 13.09 4.54 17.26
CA ALA A 169 13.09 4.34 18.74
C ALA A 169 12.16 3.18 19.07
N ASP A 170 11.06 3.06 18.35
CA ASP A 170 10.06 2.00 18.63
C ASP A 170 10.35 0.67 17.91
N ARG A 171 11.45 0.61 17.16
CA ARG A 171 11.91 -0.61 16.49
C ARG A 171 11.07 -1.07 15.30
N ALA A 172 10.05 -0.32 14.90
CA ALA A 172 9.14 -0.77 13.85
C ALA A 172 9.72 -0.57 12.45
N TRP A 173 10.67 0.36 12.34
CA TRP A 173 11.33 0.68 11.06
C TRP A 173 12.86 0.57 11.20
N LEU A 174 13.48 0.06 10.14
CA LEU A 174 14.93 -0.05 10.07
C LEU A 174 15.43 0.88 8.99
N TYR A 175 16.66 1.39 9.14
CA TYR A 175 17.34 2.04 8.03
C TYR A 175 18.39 1.05 7.52
N VAL A 176 18.26 0.69 6.25
CA VAL A 176 19.03 -0.40 5.68
C VAL A 176 19.63 -0.01 4.35
N GLU A 177 20.64 -0.78 3.98
CA GLU A 177 21.33 -0.57 2.74
C GLU A 177 21.25 -1.88 1.94
N THR A 178 20.68 -1.82 0.73
CA THR A 178 20.79 -2.92 -0.24
C THR A 178 22.01 -2.55 -1.11
N ALA A 179 22.35 -3.43 -2.04
CA ALA A 179 23.38 -3.18 -3.05
C ALA A 179 23.12 -1.93 -3.87
N PHE A 180 21.86 -1.60 -4.12
CA PHE A 180 21.56 -0.56 -5.09
C PHE A 180 20.89 0.69 -4.53
N ALA A 181 20.58 0.72 -3.23
CA ALA A 181 19.82 1.83 -2.63
C ALA A 181 19.80 1.66 -1.13
N ALA A 182 19.53 2.74 -0.41
CA ALA A 182 19.37 2.65 1.03
C ALA A 182 18.11 3.42 1.40
N GLY A 183 17.58 3.14 2.59
CA GLY A 183 16.38 3.84 3.01
C GLY A 183 15.70 3.13 4.14
N TRP A 184 14.52 3.64 4.51
CA TRP A 184 13.76 3.08 5.59
C TRP A 184 12.89 1.90 5.10
N PRO A 186 10.11 -1.41 6.65
CA PRO A 186 9.46 -2.02 7.83
C PRO A 186 10.31 -3.16 8.41
N ALA A 187 10.50 -3.15 9.73
CA ALA A 187 11.38 -4.10 10.36
C ALA A 187 10.96 -5.55 10.11
N ALA A 188 9.65 -5.84 10.05
CA ALA A 188 9.19 -7.22 9.93
C ALA A 188 9.47 -7.84 8.58
N ASP A 189 9.89 -7.02 7.61
CA ASP A 189 10.27 -7.52 6.29
C ASP A 189 11.72 -7.99 6.21
N VAL A 190 12.47 -7.86 7.32
CA VAL A 190 13.87 -8.24 7.36
C VAL A 190 14.09 -9.30 8.41
N ALA A 191 14.78 -10.38 8.04
CA ALA A 191 15.21 -11.41 8.97
C ALA A 191 16.71 -11.34 9.16
N ARG A 192 17.16 -11.50 10.41
CA ARG A 192 18.57 -11.42 10.76
C ARG A 192 19.31 -12.68 10.29
N VAL A 193 20.50 -12.50 9.69
CA VAL A 193 21.29 -13.62 9.18
C VAL A 193 22.61 -13.67 9.89
N ASP A 194 23.11 -14.88 10.16
CA ASP A 194 24.42 -15.06 10.81
C ASP A 194 25.40 -15.63 9.79
N ASP A 195 26.66 -15.78 10.20
CA ASP A 195 27.73 -16.23 9.28
C ASP A 195 27.40 -17.55 8.63
N ALA A 196 26.99 -18.51 9.46
CA ALA A 196 26.59 -19.82 8.97
C ALA A 196 25.52 -19.71 7.91
N PHE A 197 24.49 -18.88 8.15
CA PHE A 197 23.44 -18.71 7.16
C PHE A 197 23.96 -18.10 5.87
N THR A 199 26.99 -18.02 4.67
CA THR A 199 27.93 -18.91 3.99
C THR A 199 27.13 -19.92 3.19
N ARG A 200 26.19 -20.63 3.84
CA ARG A 200 25.36 -21.64 3.15
C ARG A 200 24.60 -20.96 2.07
N TYR A 201 24.08 -19.77 2.36
CA TYR A 201 23.23 -19.08 1.41
C TYR A 201 23.95 -18.66 0.15
N GLU A 202 25.13 -18.05 0.30
CA GLU A 202 25.96 -17.63 -0.84
C GLU A 202 26.68 -18.79 -1.53
N SER A 203 26.75 -19.95 -0.88
CA SER A 203 27.34 -21.12 -1.48
C SER A 203 26.34 -21.73 -2.47
N GLY A 204 26.89 -22.35 -3.48
CA GLY A 204 26.03 -22.96 -4.45
C GLY A 204 25.25 -21.96 -5.26
N SER A 205 24.50 -22.54 -6.17
CA SER A 205 24.12 -21.84 -7.36
C SER A 205 22.92 -21.02 -7.05
N LEU A 206 22.75 -19.94 -7.79
CA LEU A 206 21.62 -19.08 -7.67
C LEU A 206 20.67 -19.40 -8.83
N ALA A 207 19.38 -19.28 -8.57
CA ALA A 207 18.33 -19.36 -9.58
C ALA A 207 17.71 -17.97 -9.76
N ALA A 208 17.33 -17.65 -10.98
CA ALA A 208 16.60 -16.47 -11.32
C ALA A 208 15.16 -16.87 -11.53
N ILE A 209 14.23 -16.14 -10.91
CA ILE A 209 12.80 -16.29 -11.17
C ILE A 209 12.46 -15.72 -12.55
N LEU A 210 11.63 -16.46 -13.29
CA LEU A 210 11.36 -16.13 -14.69
C LEU A 210 9.95 -15.67 -14.98
N ARG A 211 9.09 -15.68 -13.98
CA ARG A 211 7.70 -15.28 -14.11
CA ARG A 211 7.71 -15.24 -14.15
C ARG A 211 7.32 -14.33 -12.98
N ASP A 212 6.57 -13.28 -13.30
CA ASP A 212 6.05 -12.38 -12.27
C ASP A 212 4.95 -13.14 -11.49
N ASP A 213 4.69 -12.73 -10.27
CA ASP A 213 3.64 -13.30 -9.45
C ASP A 213 3.79 -14.81 -9.22
N THR A 214 5.03 -15.23 -9.02
CA THR A 214 5.34 -16.62 -8.70
C THR A 214 5.16 -16.84 -7.21
N SER A 215 4.09 -17.54 -6.88
CA SER A 215 3.77 -17.79 -5.52
C SER A 215 4.68 -18.87 -4.96
N LEU A 216 5.30 -18.59 -3.84
CA LEU A 216 6.20 -19.52 -3.18
C LEU A 216 5.53 -20.13 -1.95
N ASN A 217 5.22 -21.41 -2.02
CA ASN A 217 4.52 -22.15 -0.95
C ASN A 217 5.36 -23.36 -0.51
N GLY A 218 5.41 -23.61 0.80
CA GLY A 218 6.10 -24.77 1.35
C GLY A 218 5.44 -26.04 0.88
N ALA A 219 6.17 -27.16 1.04
CA ALA A 219 5.67 -28.47 0.71
C ALA A 219 4.39 -28.78 1.51
N ASP A 220 4.30 -28.27 2.74
CA ASP A 220 3.09 -28.35 3.61
C ASP A 220 1.85 -27.54 3.12
N GLY A 221 2.01 -26.74 2.06
CA GLY A 221 0.95 -25.87 1.53
C GLY A 221 0.94 -24.44 2.09
N THR A 222 1.83 -24.16 3.04
CA THR A 222 1.90 -22.83 3.66
C THR A 222 2.44 -21.82 2.66
N HIS A 223 1.71 -20.73 2.46
CA HIS A 223 2.16 -19.68 1.58
C HIS A 223 3.25 -18.88 2.27
N LEU A 224 4.33 -18.60 1.54
CA LEU A 224 5.47 -17.87 2.13
C LEU A 224 5.52 -16.46 1.61
N ALA A 225 5.59 -16.34 0.30
CA ALA A 225 5.74 -15.03 -0.32
C ALA A 225 5.56 -15.19 -1.82
N THR A 226 5.65 -14.07 -2.52
CA THR A 226 5.55 -14.01 -3.96
C THR A 226 6.80 -13.38 -4.55
N ALA A 227 7.33 -14.00 -5.61
CA ALA A 227 8.55 -13.57 -6.27
C ALA A 227 8.27 -13.15 -7.71
N HIS A 228 8.96 -12.11 -8.18
CA HIS A 228 8.81 -11.58 -9.51
C HIS A 228 10.12 -11.73 -10.25
N ILE A 229 10.07 -11.49 -11.55
CA ILE A 229 11.29 -11.38 -12.35
C ILE A 229 12.20 -10.29 -11.72
N GLY A 230 13.49 -10.63 -11.60
CA GLY A 230 14.51 -9.82 -10.96
C GLY A 230 14.89 -10.47 -9.64
N THR A 231 14.09 -11.42 -9.18
CA THR A 231 14.36 -12.11 -7.93
C THR A 231 15.38 -13.24 -8.17
N VAL A 232 16.31 -13.39 -7.22
CA VAL A 232 17.21 -14.53 -7.27
CA VAL A 232 17.34 -14.43 -7.22
C VAL A 232 17.27 -15.18 -5.90
N LEU A 233 17.33 -16.50 -5.93
CA LEU A 233 17.31 -17.31 -4.71
C LEU A 233 18.27 -18.48 -4.90
N PRO A 234 18.84 -19.00 -3.82
CA PRO A 234 19.73 -20.16 -3.94
C PRO A 234 18.99 -21.40 -4.44
N LEU A 235 19.65 -22.23 -5.25
CA LEU A 235 19.13 -23.55 -5.64
C LEU A 235 19.60 -24.55 -4.63
N SER A 236 18.74 -25.49 -4.31
CA SER A 236 19.05 -26.52 -3.32
C SER A 236 20.00 -27.53 -3.93
N GLY A 242 12.56 -30.59 -11.17
CA GLY A 242 12.29 -29.13 -11.20
C GLY A 242 13.45 -28.35 -10.58
N ARG A 243 13.14 -27.19 -10.02
CA ARG A 243 14.18 -26.32 -9.46
C ARG A 243 13.72 -26.00 -8.05
N THR A 244 14.44 -26.54 -7.05
CA THR A 244 14.11 -26.28 -5.67
C THR A 244 14.90 -25.09 -5.19
N VAL A 245 14.19 -24.02 -4.85
CA VAL A 245 14.84 -22.82 -4.36
C VAL A 245 14.72 -22.77 -2.82
N LEU A 246 15.68 -22.12 -2.19
CA LEU A 246 15.69 -21.98 -0.75
C LEU A 246 15.13 -20.60 -0.42
N VAL A 247 13.94 -20.58 0.19
CA VAL A 247 13.28 -19.32 0.45
C VAL A 247 13.56 -18.85 1.86
N PRO A 248 14.09 -17.62 2.02
CA PRO A 248 14.31 -17.21 3.41
C PRO A 248 13.02 -16.76 4.07
N VAL A 249 12.82 -17.15 5.32
CA VAL A 249 11.58 -16.86 6.07
C VAL A 249 11.96 -16.38 7.45
N ARG A 250 11.24 -15.43 7.99
CA ARG A 250 11.56 -14.84 9.27
C ARG A 250 10.92 -15.66 10.40
N ALA A 251 11.73 -16.13 11.31
CA ALA A 251 11.21 -16.82 12.48
C ALA A 251 10.66 -15.81 13.50
N PRO A 252 9.88 -16.28 14.49
CA PRO A 252 9.37 -15.38 15.54
C PRO A 252 10.47 -14.70 16.40
N GLU A 253 11.66 -15.30 16.46
CA GLU A 253 12.79 -14.72 17.14
C GLU A 253 13.63 -13.83 16.22
N GLY A 254 13.14 -13.58 15.02
CA GLY A 254 13.72 -12.54 14.19
C GLY A 254 14.80 -12.95 13.22
N HIS A 255 15.29 -14.20 13.34
CA HIS A 255 16.31 -14.72 12.44
C HIS A 255 15.71 -15.38 11.21
N ALA A 256 16.52 -15.48 10.14
CA ALA A 256 16.16 -16.19 8.94
C ALA A 256 16.34 -17.69 9.06
N VAL A 257 15.37 -18.41 8.51
CA VAL A 257 15.47 -19.83 8.23
C VAL A 257 15.18 -19.99 6.75
N VAL A 258 15.51 -21.15 6.18
CA VAL A 258 15.16 -21.42 4.78
C VAL A 258 14.14 -22.55 4.71
N VAL A 259 13.21 -22.39 3.77
CA VAL A 259 12.18 -23.38 3.46
C VAL A 259 12.33 -23.65 1.96
N PRO A 260 12.55 -24.92 1.62
CA PRO A 260 12.67 -25.29 0.21
C PRO A 260 11.32 -25.29 -0.47
N VAL A 261 11.29 -24.77 -1.69
CA VAL A 261 10.09 -24.63 -2.47
C VAL A 261 10.40 -25.17 -3.86
N LEU A 262 9.61 -26.15 -4.30
CA LEU A 262 9.80 -26.79 -5.58
C LEU A 262 9.16 -25.96 -6.69
N LEU A 263 9.95 -25.49 -7.65
CA LEU A 263 9.41 -24.71 -8.78
C LEU A 263 9.60 -25.48 -10.09
N THR A 264 8.83 -25.11 -11.12
CA THR A 264 9.04 -25.67 -12.46
C THR A 264 10.20 -24.98 -13.15
N SER A 265 10.70 -25.65 -14.20
CA SER A 265 11.70 -25.05 -15.08
C SER A 265 11.18 -23.77 -15.74
N GLY A 266 9.86 -23.63 -15.91
CA GLY A 266 9.27 -22.39 -16.43
C GLY A 266 9.33 -21.21 -15.45
N GLU A 267 9.42 -21.50 -14.15
CA GLU A 267 9.42 -20.47 -13.14
C GLU A 267 10.79 -20.02 -12.68
N ALA A 268 11.79 -20.89 -12.78
CA ALA A 268 13.13 -20.60 -12.26
C ALA A 268 14.19 -21.31 -13.13
N ALA A 269 15.34 -20.66 -13.34
CA ALA A 269 16.48 -21.31 -13.97
C ALA A 269 17.73 -20.89 -13.29
N GLN A 270 18.74 -21.74 -13.37
CA GLN A 270 20.03 -21.39 -12.81
C GLN A 270 20.56 -20.14 -13.52
N LYS A 271 21.04 -19.21 -12.72
CA LYS A 271 21.59 -17.94 -13.19
C LYS A 271 23.06 -18.17 -13.55
N PRO A 272 23.51 -17.62 -14.67
CA PRO A 272 22.75 -16.81 -15.64
C PRO A 272 22.11 -17.59 -16.78
N VAL A 273 20.99 -17.10 -17.26
CA VAL A 273 20.32 -17.64 -18.43
C VAL A 273 21.16 -17.11 -19.61
N PRO A 274 21.36 -17.92 -20.66
CA PRO A 274 22.18 -17.40 -21.77
C PRO A 274 21.56 -16.17 -22.40
N LEU A 275 22.38 -15.15 -22.63
CA LEU A 275 21.91 -13.88 -23.19
C LEU A 275 21.65 -14.00 -24.69
N THR A 276 20.39 -14.18 -25.05
CA THR A 276 19.95 -14.20 -26.46
C THR A 276 18.72 -13.32 -26.61
N PRO A 277 18.46 -12.84 -27.82
CA PRO A 277 17.26 -11.99 -27.97
C PRO A 277 15.98 -12.76 -27.67
N GLY A 278 15.93 -14.02 -28.04
CA GLY A 278 14.78 -14.85 -27.75
C GLY A 278 14.54 -15.04 -26.24
N ASN A 279 15.60 -15.28 -25.47
CA ASN A 279 15.46 -15.40 -24.01
C ASN A 279 15.01 -14.10 -23.36
N ALA A 281 13.25 -11.75 -24.96
CA ALA A 281 11.89 -11.58 -25.44
C ALA A 281 10.89 -12.34 -24.57
N GLU A 282 11.21 -13.58 -24.18
CA GLU A 282 10.28 -14.33 -23.36
C GLU A 282 10.04 -13.61 -22.02
N LEU A 283 11.11 -13.11 -21.42
CA LEU A 283 10.98 -12.48 -20.10
C LEU A 283 10.28 -11.15 -20.23
N GLY A 284 10.71 -10.34 -21.17
CA GLY A 284 10.11 -9.06 -21.41
C GLY A 284 8.62 -9.15 -21.81
N ASN A 285 8.26 -10.17 -22.58
CA ASN A 285 6.85 -10.41 -22.85
C ASN A 285 6.00 -10.63 -21.59
N ARG A 286 6.58 -11.15 -20.51
CA ARG A 286 5.89 -11.32 -19.24
CA ARG A 286 5.84 -11.30 -19.28
C ARG A 286 5.55 -9.95 -18.62
N GLY A 289 2.58 -4.70 -21.00
CA GLY A 289 1.30 -4.24 -20.48
C GLY A 289 1.24 -4.02 -19.00
N GLN A 290 2.31 -4.35 -18.29
CA GLN A 290 2.23 -4.20 -16.83
C GLN A 290 2.18 -2.72 -16.47
N PRO A 291 1.30 -2.36 -15.52
CA PRO A 291 1.21 -0.96 -15.18
C PRO A 291 2.52 -0.38 -14.59
N TYR A 292 2.68 0.91 -14.84
CA TYR A 292 3.76 1.72 -14.32
C TYR A 292 3.53 2.02 -12.86
N GLY A 293 4.56 1.82 -12.05
CA GLY A 293 4.55 2.32 -10.67
C GLY A 293 5.86 3.00 -10.37
N TRP A 294 5.74 4.28 -10.02
CA TRP A 294 6.90 5.11 -9.64
C TRP A 294 7.68 4.47 -8.49
N GLY A 295 8.96 4.22 -8.68
CA GLY A 295 9.75 3.55 -7.61
C GLY A 295 9.27 2.16 -7.23
N GLY A 296 8.57 1.49 -8.13
CA GLY A 296 8.05 0.15 -7.85
C GLY A 296 6.84 0.13 -6.90
N LEU A 297 6.14 1.26 -6.81
CA LEU A 297 4.86 1.32 -6.09
C LEU A 297 3.96 0.18 -6.57
N TYR A 298 3.31 -0.47 -5.61
CA TYR A 298 2.36 -1.55 -5.83
C TYR A 298 3.04 -2.83 -6.32
N GLU A 299 4.37 -2.91 -6.17
CA GLU A 299 5.17 -3.94 -6.84
C GLU A 299 5.10 -3.90 -8.34
N ASP A 300 4.74 -2.77 -8.87
CA ASP A 300 4.84 -2.56 -10.29
C ASP A 300 6.34 -2.21 -10.62
N ARG A 301 6.58 -1.70 -11.82
CA ARG A 301 7.93 -1.31 -12.23
C ARG A 301 7.88 0.06 -12.87
N ASP A 302 9.00 0.75 -12.86
CA ASP A 302 9.13 2.00 -13.60
C ASP A 302 10.14 1.80 -14.74
N CYS A 303 10.58 2.84 -15.40
CA CYS A 303 11.40 2.63 -16.60
C CYS A 303 12.70 1.87 -16.30
N SER A 304 13.32 2.23 -15.18
CA SER A 304 14.62 1.67 -14.80
C SER A 304 14.53 0.35 -14.06
N SER A 305 13.50 0.14 -13.23
CA SER A 305 13.40 -1.16 -12.60
C SER A 305 13.02 -2.22 -13.65
N THR A 306 12.30 -1.79 -14.69
CA THR A 306 12.01 -2.68 -15.78
C THR A 306 13.31 -3.27 -16.38
N LEU A 307 14.24 -2.39 -16.72
CA LEU A 307 15.48 -2.80 -17.37
C LEU A 307 16.38 -3.59 -16.41
N ARG A 308 16.48 -3.16 -15.16
CA ARG A 308 17.29 -3.90 -14.19
C ARG A 308 16.77 -5.31 -13.99
N ASP A 309 15.47 -5.46 -13.82
CA ASP A 309 14.88 -6.76 -13.59
C ASP A 309 14.97 -7.65 -14.83
N LEU A 310 14.81 -7.04 -16.00
CA LEU A 310 14.94 -7.80 -17.24
C LEU A 310 16.35 -8.40 -17.45
N PHE A 311 17.39 -7.64 -17.04
CA PHE A 311 18.76 -8.08 -17.25
C PHE A 311 19.28 -8.94 -16.13
N THR A 312 18.63 -8.94 -14.98
CA THR A 312 19.07 -9.76 -13.86
C THR A 312 19.23 -11.26 -14.17
N PRO A 313 18.25 -11.87 -14.84
CA PRO A 313 18.44 -13.30 -15.06
C PRO A 313 19.66 -13.67 -15.90
N PHE A 314 20.15 -12.71 -16.68
CA PHE A 314 21.31 -12.88 -17.53
C PHE A 314 22.62 -12.51 -16.84
N GLY A 315 22.52 -12.01 -15.61
CA GLY A 315 23.68 -11.62 -14.82
C GLY A 315 24.32 -10.29 -15.22
N LEU A 316 23.60 -9.45 -15.98
CA LEU A 316 24.06 -8.10 -16.28
C LEU A 316 23.51 -7.12 -15.23
N TRP A 317 24.38 -6.70 -14.31
CA TRP A 317 24.02 -5.77 -13.26
C TRP A 317 23.72 -4.38 -13.85
N LEU A 318 22.58 -3.81 -13.49
CA LEU A 318 22.28 -2.40 -13.74
C LEU A 318 21.96 -1.74 -12.42
N PRO A 319 22.44 -0.52 -12.22
CA PRO A 319 22.03 0.24 -11.06
C PRO A 319 20.56 0.61 -11.14
N ARG A 320 20.05 1.25 -10.09
CA ARG A 320 18.62 1.46 -9.96
C ARG A 320 18.10 2.68 -10.73
N ASN A 321 18.92 3.72 -10.83
CA ASN A 321 18.47 4.96 -11.40
C ASN A 321 18.73 5.00 -12.92
N SER A 322 17.77 5.58 -13.66
CA SER A 322 17.88 5.68 -15.11
CA SER A 322 17.88 5.70 -15.11
C SER A 322 19.19 6.34 -15.59
N ALA A 323 19.54 7.49 -15.01
CA ALA A 323 20.76 8.18 -15.42
C ALA A 323 22.02 7.37 -15.15
N SER A 324 22.02 6.67 -14.04
CA SER A 324 23.13 5.78 -13.72
C SER A 324 23.21 4.59 -14.68
N GLN A 325 22.06 4.09 -15.15
CA GLN A 325 22.07 2.96 -16.07
C GLN A 325 22.65 3.41 -17.39
N ALA A 326 22.36 4.65 -17.76
CA ALA A 326 22.91 5.21 -19.02
C ALA A 326 24.43 5.21 -19.02
N LYS A 327 25.02 5.34 -17.84
CA LYS A 327 26.48 5.37 -17.74
C LYS A 327 27.08 4.01 -17.35
N ALA A 328 26.25 2.99 -17.29
CA ALA A 328 26.70 1.63 -16.99
C ALA A 328 27.31 0.97 -18.21
N GLY A 329 26.81 1.29 -19.39
CA GLY A 329 27.38 0.74 -20.62
C GLY A 329 28.33 1.72 -21.27
N ARG A 330 28.75 1.40 -22.49
CA ARG A 330 29.56 2.33 -23.29
C ARG A 330 28.66 3.44 -23.77
N TYR A 331 28.88 4.64 -23.30
CA TYR A 331 27.96 5.76 -23.54
C TYR A 331 28.31 6.49 -24.80
N VAL A 332 27.36 6.66 -25.72
CA VAL A 332 27.57 7.46 -26.94
C VAL A 332 26.68 8.69 -26.86
N ASP A 333 27.29 9.88 -26.76
CA ASP A 333 26.56 11.15 -26.65
C ASP A 333 25.92 11.49 -28.00
N ILE A 334 24.62 11.78 -27.99
CA ILE A 334 23.94 12.20 -29.24
C ILE A 334 23.18 13.53 -29.02
N ALA A 335 23.45 14.21 -27.90
CA ALA A 335 22.62 15.31 -27.41
C ALA A 335 22.57 16.52 -28.34
N LYS A 336 23.63 16.76 -29.08
CA LYS A 336 23.65 17.92 -29.96
C LYS A 336 23.08 17.70 -31.35
N LEU A 337 22.58 16.50 -31.66
CA LEU A 337 22.11 16.18 -33.01
C LEU A 337 20.64 16.58 -33.17
N ASP A 338 20.22 16.96 -34.37
CA ASP A 338 18.79 17.16 -34.57
C ASP A 338 18.09 15.79 -34.55
N ALA A 339 16.76 15.79 -34.40
CA ALA A 339 16.02 14.54 -34.17
C ALA A 339 16.32 13.50 -35.23
N ASP A 340 16.23 13.87 -36.49
CA ASP A 340 16.42 12.88 -37.55
C ASP A 340 17.83 12.29 -37.55
N ASP A 341 18.83 13.11 -37.20
CA ASP A 341 20.21 12.63 -37.13
C ASP A 341 20.43 11.72 -35.92
N LYS A 342 19.71 12.00 -34.84
CA LYS A 342 19.73 11.15 -33.66
C LYS A 342 19.18 9.76 -34.00
N GLU A 343 18.05 9.72 -34.70
CA GLU A 343 17.44 8.45 -35.09
C GLU A 343 18.44 7.69 -35.95
N ALA A 344 19.09 8.40 -36.89
CA ALA A 344 20.04 7.74 -37.79
C ALA A 344 21.23 7.19 -37.03
N ARG A 345 21.67 7.95 -36.04
CA ARG A 345 22.80 7.50 -35.22
C ARG A 345 22.43 6.27 -34.39
N ILE A 346 21.23 6.24 -33.82
CA ILE A 346 20.79 5.03 -33.07
C ILE A 346 20.73 3.81 -34.01
N VAL A 347 20.22 4.03 -35.19
CA VAL A 347 20.17 2.97 -36.20
C VAL A 347 21.56 2.48 -36.59
N ALA A 348 22.47 3.41 -36.82
CA ALA A 348 23.86 3.08 -37.22
C ALA A 348 24.66 2.39 -36.13
N GLU A 349 24.60 2.89 -34.89
CA GLU A 349 25.51 2.46 -33.83
C GLU A 349 24.85 1.57 -32.78
N GLY A 350 23.53 1.66 -32.69
CA GLY A 350 22.82 0.89 -31.72
C GLY A 350 22.90 -0.59 -31.95
N VAL A 351 23.01 -1.35 -30.86
CA VAL A 351 23.07 -2.81 -30.90
C VAL A 351 21.73 -3.36 -30.38
N PRO A 352 20.92 -3.96 -31.28
CA PRO A 352 19.60 -4.44 -30.85
C PRO A 352 19.66 -5.36 -29.61
N PHE A 353 18.74 -5.13 -28.66
CA PHE A 353 18.61 -5.90 -27.41
C PHE A 353 19.77 -5.64 -26.39
N THR A 355 21.24 -2.15 -26.13
CA THR A 355 21.45 -0.71 -26.08
C THR A 355 20.34 -0.02 -25.33
N LEU A 356 20.70 0.85 -24.39
CA LEU A 356 19.73 1.65 -23.65
C LEU A 356 19.73 3.03 -24.25
N LEU A 357 18.55 3.61 -24.37
CA LEU A 357 18.33 4.94 -24.90
C LEU A 357 17.87 5.81 -23.77
N TRP A 358 18.57 6.93 -23.55
CA TRP A 358 18.38 7.72 -22.34
C TRP A 358 18.06 9.20 -22.62
N LEU A 359 17.00 9.69 -21.97
CA LEU A 359 16.71 11.11 -21.82
C LEU A 359 16.57 11.39 -20.36
N ARG A 360 16.65 12.64 -19.95
CA ARG A 360 16.48 12.91 -18.53
CA ARG A 360 16.46 12.97 -18.53
C ARG A 360 15.10 12.43 -18.10
N GLY A 361 15.08 11.58 -17.08
CA GLY A 361 13.82 11.06 -16.52
C GLY A 361 13.20 9.81 -17.19
N HIS A 362 13.89 9.24 -18.18
CA HIS A 362 13.39 8.04 -18.84
C HIS A 362 14.46 7.27 -19.57
N ILE A 363 14.31 5.95 -19.58
CA ILE A 363 15.29 5.08 -20.22
C ILE A 363 14.56 3.91 -20.87
N THR A 364 15.02 3.49 -22.04
CA THR A 364 14.37 2.44 -22.78
C THR A 364 15.37 1.41 -23.33
N LEU A 365 14.85 0.27 -23.81
CA LEU A 365 15.66 -0.75 -24.50
C LEU A 365 15.46 -0.70 -26.01
N TYR A 366 16.54 -0.45 -26.75
CA TYR A 366 16.53 -0.49 -28.23
C TYR A 366 16.43 -1.93 -28.72
N LEU A 367 15.46 -2.20 -29.60
CA LEU A 367 15.20 -3.58 -30.07
C LEU A 367 15.65 -3.86 -31.52
N GLY A 368 16.11 -2.83 -32.23
CA GLY A 368 16.44 -2.90 -33.64
C GLY A 368 15.40 -2.14 -34.43
N LEU A 369 15.46 -2.36 -35.72
CA LEU A 369 14.65 -1.63 -36.68
C LEU A 369 13.40 -2.44 -36.99
N HIS A 370 12.27 -1.74 -37.03
CA HIS A 370 10.98 -2.31 -37.44
C HIS A 370 10.31 -1.38 -38.41
N GLU A 371 10.02 -1.87 -39.64
CA GLU A 371 9.58 -1.00 -40.76
CA GLU A 371 9.57 -1.00 -40.75
C GLU A 371 10.40 0.29 -40.87
N GLY A 372 11.71 0.16 -40.80
CA GLY A 372 12.62 1.29 -40.97
C GLY A 372 12.77 2.23 -39.77
N GLN A 373 12.07 1.95 -38.67
CA GLN A 373 12.14 2.80 -37.48
CA GLN A 373 12.12 2.80 -37.47
C GLN A 373 12.80 2.08 -36.31
N ALA A 374 13.57 2.83 -35.50
CA ALA A 374 14.12 2.24 -34.29
C ALA A 374 12.92 1.89 -33.39
N ALA A 375 12.88 0.66 -32.89
CA ALA A 375 11.86 0.23 -31.91
C ALA A 375 12.48 0.12 -30.54
N PHE A 377 11.55 -0.92 -26.17
CA PHE A 377 10.74 -1.47 -25.11
C PHE A 377 10.95 -0.65 -23.87
N HIS A 378 9.86 -0.24 -23.21
CA HIS A 378 10.01 0.60 -22.04
C HIS A 378 8.73 0.69 -21.26
N ASN A 379 8.84 0.98 -19.96
CA ASN A 379 7.64 1.25 -19.18
C ASN A 379 7.65 2.74 -18.90
N TRP A 381 5.33 6.63 -18.23
CA TRP A 381 4.11 7.22 -17.71
C TRP A 381 3.38 7.90 -18.87
N GLY A 382 3.73 9.12 -19.21
CA GLY A 382 2.93 9.83 -20.20
C GLY A 382 3.69 10.71 -21.16
N ILE A 383 2.99 11.09 -22.20
CA ILE A 383 3.43 12.06 -23.15
C ILE A 383 3.12 13.46 -22.59
N ARG A 384 4.08 14.35 -22.65
CA ARG A 384 3.86 15.71 -22.14
C ARG A 384 2.94 16.49 -23.05
N THR A 385 1.88 17.04 -22.50
CA THR A 385 0.91 17.82 -23.26
C THR A 385 0.67 19.17 -22.57
N HIS A 386 0.03 20.09 -23.29
CA HIS A 386 -0.40 21.35 -22.70
C HIS A 386 -1.74 21.71 -23.31
N ARG A 387 -2.67 22.17 -22.47
CA ARG A 387 -3.93 22.78 -22.94
C ARG A 387 -4.09 24.09 -22.16
N GLY A 388 -4.28 25.18 -22.90
CA GLY A 388 -4.55 26.48 -22.28
C GLY A 388 -3.55 26.92 -21.22
N GLY A 389 -2.28 26.61 -21.44
CA GLY A 389 -1.24 27.05 -20.51
C GLY A 389 -0.87 26.04 -19.43
N VAL A 390 -1.74 25.05 -19.21
CA VAL A 390 -1.57 24.07 -18.13
CA VAL A 390 -1.55 24.08 -18.12
C VAL A 390 -1.00 22.74 -18.64
N GLU A 391 0.09 22.30 -18.03
CA GLU A 391 0.70 21.00 -18.32
C GLU A 391 -0.28 19.88 -18.09
N GLY A 392 -0.22 18.90 -18.98
CA GLY A 392 -0.92 17.64 -18.80
C GLY A 392 -0.01 16.49 -19.16
N ARG A 393 -0.56 15.29 -19.03
CA ARG A 393 0.09 14.04 -19.41
C ARG A 393 -0.95 13.19 -20.15
N TYR A 394 -0.60 12.71 -21.34
CA TYR A 394 -1.36 11.68 -22.00
C TYR A 394 -0.74 10.36 -21.55
N VAL A 395 -1.43 9.68 -20.63
CA VAL A 395 -0.87 8.53 -19.94
C VAL A 395 -0.94 7.23 -20.77
N LEU A 396 0.22 6.60 -20.95
CA LEU A 396 0.27 5.20 -21.37
CA LEU A 396 0.30 5.20 -21.37
C LEU A 396 0.46 4.32 -20.11
N GLY A 397 1.33 4.75 -19.23
CA GLY A 397 1.42 4.15 -17.89
C GLY A 397 1.63 2.65 -17.83
N ARG A 398 2.43 2.10 -18.73
CA ARG A 398 2.68 0.66 -18.74
C ARG A 398 3.82 0.30 -19.69
N ALA A 399 4.22 -0.97 -19.69
CA ALA A 399 5.31 -1.48 -20.54
C ALA A 399 4.75 -1.64 -21.97
N VAL A 400 5.44 -0.99 -22.93
CA VAL A 400 5.06 -0.93 -24.32
C VAL A 400 6.27 -1.01 -25.25
N VAL A 401 5.99 -1.23 -26.53
CA VAL A 401 6.96 -1.12 -27.57
C VAL A 401 6.46 0.02 -28.46
N THR A 402 7.34 0.97 -28.72
CA THR A 402 7.03 2.12 -29.58
C THR A 402 8.24 2.50 -30.44
N SER A 403 8.03 3.53 -31.27
CA SER A 403 9.12 4.23 -31.93
C SER A 403 9.83 5.08 -30.88
N THR A 404 10.85 5.82 -31.33
CA THR A 404 11.49 6.81 -30.48
C THR A 404 10.66 8.08 -30.28
N ARG A 405 9.57 8.22 -31.05
CA ARG A 405 8.68 9.36 -30.99
C ARG A 405 7.23 8.91 -30.83
N PRO A 406 6.89 8.25 -29.72
CA PRO A 406 5.50 7.85 -29.50
C PRO A 406 4.60 9.06 -29.24
N GLY A 407 3.37 8.98 -29.63
CA GLY A 407 2.43 10.01 -29.23
C GLY A 407 2.53 11.34 -29.98
N LEU A 408 3.14 11.34 -31.15
CA LEU A 408 3.03 12.52 -32.03
C LEU A 408 1.57 12.74 -32.49
N ASP A 409 0.74 11.70 -32.37
CA ASP A 409 -0.69 11.76 -32.67
C ASP A 409 -1.57 12.26 -31.48
N VAL A 410 -0.94 12.55 -30.35
CA VAL A 410 -1.68 12.97 -29.17
C VAL A 410 -2.02 14.48 -29.25
N PRO A 411 -3.30 14.86 -29.13
CA PRO A 411 -3.61 16.29 -29.12
C PRO A 411 -3.00 17.00 -27.91
N GLY A 412 -2.57 18.23 -28.13
CA GLY A 412 -1.92 19.01 -27.08
C GLY A 412 -0.45 18.69 -26.93
N ASN A 413 0.07 17.75 -27.71
CA ASN A 413 1.50 17.54 -27.76
C ASN A 413 2.06 18.42 -28.90
N ASP A 414 2.55 19.61 -28.56
CA ASP A 414 3.05 20.57 -29.56
C ASP A 414 4.48 20.29 -30.02
N ASN A 415 5.18 19.41 -29.32
CA ASN A 415 6.57 19.16 -29.62
C ASN A 415 6.74 18.16 -30.79
N ALA A 416 7.44 18.56 -31.82
CA ALA A 416 7.50 17.75 -33.06
C ALA A 416 8.38 16.53 -32.90
N ASP A 417 9.24 16.55 -31.87
CA ASP A 417 10.37 15.63 -31.83
C ASP A 417 10.28 14.55 -30.78
N GLY A 418 9.30 14.62 -29.88
CA GLY A 418 9.05 13.51 -28.97
C GLY A 418 10.15 13.17 -27.99
N LEU A 419 10.10 11.95 -27.47
CA LEU A 419 11.14 11.48 -26.58
C LEU A 419 12.52 11.54 -27.27
N LEU A 420 12.55 11.19 -28.55
CA LEU A 420 13.80 11.27 -29.35
C LEU A 420 14.51 12.63 -29.18
N GLY A 421 13.75 13.71 -29.33
CA GLY A 421 14.28 15.07 -29.18
C GLY A 421 14.96 15.35 -27.86
N ARG A 422 14.53 14.67 -26.80
CA ARG A 422 15.08 14.86 -25.47
C ARG A 422 16.24 13.91 -25.19
N GLN A 424 19.64 12.13 -24.84
CA GLN A 424 20.99 12.65 -24.69
C GLN A 424 22.01 11.66 -25.17
N GLY A 425 21.71 10.36 -24.99
CA GLY A 425 22.65 9.35 -25.42
C GLY A 425 22.15 7.95 -25.44
N SER A 427 23.55 3.86 -24.48
CA SER A 427 24.52 3.10 -23.71
C SER A 427 24.51 1.67 -24.21
N ILE A 428 25.63 1.26 -24.77
CA ILE A 428 25.76 -0.06 -25.33
C ILE A 428 26.36 -0.97 -24.29
N LEU A 429 25.55 -1.93 -23.86
CA LEU A 429 25.95 -2.90 -22.83
C LEU A 429 26.86 -3.95 -23.46
N PRO A 430 27.72 -4.58 -22.65
CA PRO A 430 27.88 -4.36 -21.23
C PRO A 430 28.98 -3.34 -21.04
N GLY A 431 29.11 -2.78 -19.85
CA GLY A 431 30.28 -1.95 -19.54
C GLY A 431 31.44 -2.82 -19.04
N PRO B 12 -12.90 29.42 2.85
CA PRO B 12 -12.05 29.93 3.94
C PRO B 12 -10.66 30.44 3.47
N SER B 13 -9.67 30.51 4.37
CA SER B 13 -8.35 31.09 4.04
C SER B 13 -7.39 30.03 3.46
N ARG B 14 -7.24 28.92 4.17
CA ARG B 14 -6.20 27.93 3.84
C ARG B 14 -6.75 26.54 3.61
N GLU B 15 -5.91 25.67 3.04
CA GLU B 15 -6.34 24.33 2.64
C GLU B 15 -6.79 23.52 3.82
N GLY B 16 -7.96 22.89 3.66
CA GLY B 16 -8.42 21.96 4.68
C GLY B 16 -9.02 22.63 5.90
N HIS B 17 -9.24 23.93 5.82
CA HIS B 17 -9.79 24.66 6.97
C HIS B 17 -11.22 25.09 6.75
N VAL B 18 -12.03 25.01 7.81
CA VAL B 18 -13.32 25.71 7.85
C VAL B 18 -13.44 26.43 9.19
N ALA B 19 -14.34 27.43 9.25
CA ALA B 19 -14.48 28.26 10.46
C ALA B 19 -14.81 27.44 11.71
N ASP B 20 -15.56 26.35 11.55
CA ASP B 20 -15.83 25.50 12.70
C ASP B 20 -14.57 25.00 13.45
N LEU B 21 -13.46 24.84 12.78
CA LEU B 21 -12.27 24.28 13.43
C LEU B 21 -11.61 25.33 14.36
N ASP B 22 -11.97 26.60 14.18
CA ASP B 22 -11.65 27.63 15.15
C ASP B 22 -12.73 27.87 16.20
N ARG B 23 -14.01 27.69 15.84
CA ARG B 23 -15.14 27.88 16.74
CA ARG B 23 -15.11 27.90 16.79
C ARG B 23 -15.19 26.78 17.80
N PHE B 24 -14.84 25.55 17.38
CA PHE B 24 -14.93 24.36 18.23
C PHE B 24 -13.51 23.91 18.49
N PRO B 25 -13.12 23.79 19.77
CA PRO B 25 -11.81 23.24 20.07
C PRO B 25 -11.66 21.80 19.61
N GLN B 26 -10.53 21.50 18.98
CA GLN B 26 -10.24 20.16 18.47
C GLN B 26 -9.61 19.36 19.61
N ASP B 27 -10.38 19.17 20.66
CA ASP B 27 -9.90 18.69 21.95
C ASP B 27 -11.11 18.16 22.66
N LEU B 28 -11.26 16.84 22.72
CA LEU B 28 -12.45 16.23 23.33
C LEU B 28 -12.56 16.50 24.84
N ARG B 29 -11.44 16.84 25.47
CA ARG B 29 -11.46 17.14 26.91
C ARG B 29 -12.40 18.29 27.26
N VAL B 30 -12.46 19.32 26.41
CA VAL B 30 -13.35 20.47 26.66
C VAL B 30 -14.83 20.04 26.79
N TYR B 31 -15.27 19.19 25.87
CA TYR B 31 -16.65 18.71 25.89
C TYR B 31 -16.85 17.71 27.05
N ALA B 32 -15.83 16.94 27.37
CA ALA B 32 -15.92 15.97 28.48
C ALA B 32 -16.05 16.68 29.85
N LYS B 34 -17.56 19.53 30.43
CA LYS B 34 -18.93 19.91 30.48
C LYS B 34 -19.86 18.72 30.79
N ALA B 35 -19.57 17.56 30.19
CA ALA B 35 -20.41 16.36 30.35
C ALA B 35 -20.25 15.74 31.74
N GLY B 36 -19.17 16.07 32.41
CA GLY B 36 -18.81 15.39 33.67
C GLY B 36 -17.71 14.40 33.38
N ALA B 37 -16.46 14.84 33.45
CA ALA B 37 -15.32 14.04 32.92
C ALA B 37 -15.23 12.63 33.52
N ASP B 38 -15.53 12.51 34.80
CA ASP B 38 -15.42 11.22 35.49
C ASP B 38 -16.76 10.56 35.77
N ARG B 39 -17.81 10.99 35.10
CA ARG B 39 -19.13 10.38 35.27
C ARG B 39 -19.22 9.06 34.52
N GLN B 40 -19.69 8.02 35.19
CA GLN B 40 -19.93 6.71 34.56
C GLN B 40 -21.11 6.85 33.61
N LEU B 41 -20.90 6.62 32.32
CA LEU B 41 -21.95 6.74 31.32
C LEU B 41 -22.89 5.51 31.30
N LEU B 42 -22.43 4.41 31.88
CA LEU B 42 -23.17 3.16 32.11
C LEU B 42 -22.75 2.60 33.45
N PRO B 43 -23.67 1.95 34.17
CA PRO B 43 -23.23 1.24 35.36
C PRO B 43 -22.26 0.09 35.07
N PHE B 44 -21.43 -0.22 36.06
CA PHE B 44 -20.41 -1.23 35.94
C PHE B 44 -21.01 -2.52 35.40
N THR B 45 -22.12 -2.98 35.96
CA THR B 45 -22.68 -4.28 35.59
CA THR B 45 -22.67 -4.29 35.56
C THR B 45 -23.09 -4.28 34.10
N GLU B 46 -23.71 -3.20 33.65
CA GLU B 46 -24.16 -3.10 32.27
CA GLU B 46 -24.16 -3.06 32.26
C GLU B 46 -22.96 -2.98 31.32
N GLN B 47 -21.92 -2.24 31.72
CA GLN B 47 -20.72 -2.16 30.87
C GLN B 47 -20.05 -3.54 30.80
N ALA B 48 -20.05 -4.27 31.90
CA ALA B 48 -19.52 -5.63 31.91
C ALA B 48 -20.30 -6.51 30.93
N ALA B 49 -21.61 -6.37 30.89
CA ALA B 49 -22.42 -7.18 29.97
C ALA B 49 -22.09 -6.84 28.51
N GLN B 50 -21.98 -5.56 28.21
CA GLN B 50 -21.57 -5.08 26.92
C GLN B 50 -20.20 -5.65 26.50
N ASP B 51 -19.25 -5.64 27.43
CA ASP B 51 -17.91 -6.13 27.15
C ASP B 51 -17.92 -7.65 26.86
N ALA B 52 -18.69 -8.41 27.62
CA ALA B 52 -18.90 -9.83 27.37
C ALA B 52 -19.43 -10.07 25.97
N ARG B 53 -20.37 -9.24 25.51
CA ARG B 53 -20.92 -9.35 24.15
CA ARG B 53 -20.91 -9.40 24.16
C ARG B 53 -19.85 -9.05 23.10
N TRP B 54 -19.05 -8.02 23.38
CA TRP B 54 -17.97 -7.58 22.48
C TRP B 54 -17.09 -8.81 22.24
N ASN B 55 -16.68 -9.50 23.31
CA ASN B 55 -15.80 -10.67 23.18
C ASN B 55 -16.43 -11.84 22.47
N ARG B 56 -17.74 -12.06 22.67
CA ARG B 56 -18.44 -13.12 21.96
C ARG B 56 -18.48 -12.82 20.46
N ARG B 57 -18.76 -11.57 20.09
CA ARG B 57 -18.78 -11.23 18.69
C ARG B 57 -17.38 -11.42 18.08
N PHE B 58 -16.34 -10.90 18.77
CA PHE B 58 -14.98 -10.90 18.22
C PHE B 58 -14.45 -12.29 17.86
N PHE B 59 -14.73 -13.25 18.75
CA PHE B 59 -14.24 -14.62 18.62
C PHE B 59 -15.22 -15.54 17.90
N ALA B 60 -16.35 -14.99 17.40
CA ALA B 60 -17.39 -15.82 16.75
C ALA B 60 -16.87 -16.64 15.54
N PRO B 61 -15.96 -16.07 14.73
CA PRO B 61 -15.44 -16.87 13.61
C PRO B 61 -14.82 -18.21 14.04
N TRP B 62 -14.23 -18.23 15.24
CA TRP B 62 -13.68 -19.46 15.80
C TRP B 62 -14.71 -20.51 16.22
N ARG B 63 -15.99 -20.19 16.14
CA ARG B 63 -17.05 -21.17 16.38
C ARG B 63 -17.79 -21.58 15.07
N THR B 65 -18.24 -23.38 11.35
CA THR B 65 -17.79 -24.61 10.74
C THR B 65 -17.68 -24.49 9.22
N ARG B 66 -18.23 -23.41 8.66
CA ARG B 66 -18.08 -23.11 7.24
C ARG B 66 -18.22 -21.60 7.06
N ILE B 67 -17.69 -21.08 5.96
CA ILE B 67 -17.79 -19.64 5.66
C ILE B 67 -19.25 -19.32 5.31
N SER B 68 -19.69 -18.10 5.64
CA SER B 68 -21.13 -17.78 5.55
C SER B 68 -21.50 -17.10 4.26
N VAL B 69 -20.51 -16.68 3.48
CA VAL B 69 -20.77 -15.84 2.33
C VAL B 69 -21.08 -16.71 1.12
N PRO B 70 -22.23 -16.48 0.47
CA PRO B 70 -22.55 -17.27 -0.71
C PRO B 70 -21.66 -16.88 -1.89
N VAL B 71 -21.41 -17.84 -2.76
CA VAL B 71 -20.46 -17.64 -3.84
C VAL B 71 -20.88 -16.48 -4.77
N LYS B 72 -22.18 -16.26 -4.89
CA LYS B 72 -22.69 -15.18 -5.75
C LYS B 72 -22.10 -13.82 -5.30
N ASP B 73 -22.01 -13.65 -3.99
CA ASP B 73 -21.48 -12.43 -3.41
C ASP B 73 -19.98 -12.33 -3.53
N VAL B 74 -19.30 -13.47 -3.51
CA VAL B 74 -17.87 -13.49 -3.75
C VAL B 74 -17.58 -13.14 -5.22
N ALA B 75 -18.41 -13.68 -6.12
CA ALA B 75 -18.23 -13.50 -7.55
C ALA B 75 -18.53 -12.08 -7.99
N ALA B 76 -19.47 -11.42 -7.30
CA ALA B 76 -20.04 -10.15 -7.81
C ALA B 76 -18.96 -9.10 -8.15
N PRO B 77 -18.00 -8.89 -7.25
CA PRO B 77 -16.98 -7.86 -7.51
C PRO B 77 -16.03 -8.11 -8.67
N PHE B 78 -15.99 -9.33 -9.18
CA PHE B 78 -15.19 -9.68 -10.35
C PHE B 78 -15.81 -9.16 -11.65
N GLY B 79 -17.00 -8.60 -11.53
CA GLY B 79 -17.58 -7.83 -12.62
C GLY B 79 -18.79 -8.47 -13.26
N THR B 80 -19.64 -7.60 -13.83
CA THR B 80 -20.79 -7.99 -14.68
C THR B 80 -20.27 -8.74 -15.92
N ASP B 81 -20.58 -10.04 -15.98
CA ASP B 81 -20.03 -10.93 -17.00
C ASP B 81 -18.48 -10.89 -16.93
N GLY B 82 -17.97 -10.77 -15.70
CA GLY B 82 -16.53 -10.68 -15.43
C GLY B 82 -15.75 -9.54 -16.08
N ARG B 83 -16.42 -8.49 -16.56
CA ARG B 83 -15.73 -7.43 -17.35
C ARG B 83 -15.03 -6.49 -16.40
N PRO B 84 -13.93 -5.83 -16.84
CA PRO B 84 -13.17 -4.97 -15.90
C PRO B 84 -13.99 -3.83 -15.37
N ARG B 85 -13.70 -3.44 -14.13
CA ARG B 85 -14.37 -2.35 -13.52
C ARG B 85 -13.37 -1.20 -13.36
N GLY B 86 -13.74 -0.02 -13.81
CA GLY B 86 -13.03 1.21 -13.44
C GLY B 86 -11.55 1.21 -13.76
N TYR B 87 -10.79 1.96 -12.96
CA TYR B 87 -9.46 2.43 -13.31
C TYR B 87 -8.45 1.91 -12.31
N ALA B 88 -7.25 1.61 -12.79
CA ALA B 88 -6.23 1.05 -11.93
C ALA B 88 -5.19 2.12 -11.50
N GLU B 89 -4.07 1.67 -10.95
CA GLU B 89 -3.06 2.58 -10.37
C GLU B 89 -2.34 3.46 -11.39
N ASN B 90 -2.52 3.15 -12.67
CA ASN B 90 -2.03 3.99 -13.79
C ASN B 90 -3.07 4.94 -14.36
N LEU B 91 -4.19 5.04 -13.64
CA LEU B 91 -5.26 5.95 -14.00
C LEU B 91 -5.84 5.66 -15.40
N LEU B 92 -5.70 4.41 -15.81
CA LEU B 92 -6.31 3.92 -17.02
C LEU B 92 -7.24 2.76 -16.65
N PRO B 93 -8.20 2.47 -17.52
CA PRO B 93 -9.10 1.35 -17.28
C PRO B 93 -8.32 0.07 -16.99
N TRP B 94 -8.79 -0.68 -16.01
CA TRP B 94 -8.18 -1.94 -15.65
C TRP B 94 -7.96 -2.84 -16.89
N ASP B 95 -6.76 -3.40 -16.98
CA ASP B 95 -6.32 -4.22 -18.09
C ASP B 95 -7.19 -5.49 -18.15
N VAL B 96 -7.71 -5.77 -19.34
CA VAL B 96 -8.64 -6.88 -19.53
C VAL B 96 -7.99 -8.22 -19.19
N THR B 97 -6.76 -8.41 -19.65
CA THR B 97 -6.03 -9.66 -19.43
C THR B 97 -5.71 -9.88 -17.94
N ARG B 98 -5.13 -8.85 -17.32
CA ARG B 98 -4.82 -8.91 -15.89
C ARG B 98 -6.10 -9.05 -15.04
N TRP B 99 -7.19 -8.42 -15.45
CA TRP B 99 -8.49 -8.57 -14.73
C TRP B 99 -8.99 -10.01 -14.81
N GLY B 100 -9.01 -10.56 -16.03
CA GLY B 100 -9.36 -11.95 -16.27
C GLY B 100 -8.52 -12.93 -15.44
N ALA B 101 -7.24 -12.63 -15.30
CA ALA B 101 -6.35 -13.49 -14.51
C ALA B 101 -6.67 -13.45 -13.01
N LEU B 102 -7.18 -12.32 -12.52
CA LEU B 102 -7.63 -12.29 -11.14
C LEU B 102 -8.79 -13.26 -10.94
N ALA B 103 -9.75 -13.23 -11.86
CA ALA B 103 -10.92 -14.09 -11.76
C ALA B 103 -10.53 -15.54 -11.90
N SER B 104 -9.64 -15.87 -12.85
CA SER B 104 -9.32 -17.28 -13.06
CA SER B 104 -9.26 -17.27 -13.07
C SER B 104 -8.57 -17.83 -11.84
N GLY B 105 -7.62 -17.08 -11.33
CA GLY B 105 -6.91 -17.51 -10.14
C GLY B 105 -7.71 -17.59 -8.85
N ALA B 106 -8.86 -16.91 -8.79
CA ALA B 106 -9.75 -16.96 -7.63
C ALA B 106 -10.37 -18.35 -7.48
N ALA B 107 -10.42 -19.14 -8.55
CA ALA B 107 -10.91 -20.54 -8.46
C ALA B 107 -12.29 -20.68 -7.82
N LEU B 108 -13.23 -19.85 -8.28
CA LEU B 108 -14.55 -19.78 -7.67
C LEU B 108 -15.39 -21.03 -7.97
N ASP B 109 -15.01 -21.80 -8.98
CA ASP B 109 -15.65 -23.10 -9.25
CA ASP B 109 -15.67 -23.10 -9.23
C ASP B 109 -15.47 -24.06 -8.07
N LEU B 110 -14.48 -23.78 -7.22
CA LEU B 110 -14.21 -24.62 -6.05
C LEU B 110 -14.64 -23.98 -4.72
N TYR B 111 -15.26 -22.80 -4.79
CA TYR B 111 -15.59 -22.07 -3.57
C TYR B 111 -16.81 -22.70 -2.88
N PRO B 112 -16.76 -22.86 -1.55
CA PRO B 112 -15.63 -22.65 -0.63
C PRO B 112 -14.75 -23.89 -0.54
N SER B 113 -13.45 -23.72 -0.67
CA SER B 113 -12.54 -24.87 -0.76
C SER B 113 -11.84 -25.14 0.55
N GLN B 114 -11.99 -24.24 1.53
CA GLN B 114 -11.30 -24.30 2.81
C GLN B 114 -12.30 -24.19 3.96
N ALA B 115 -11.93 -24.72 5.12
CA ALA B 115 -12.72 -24.53 6.31
C ALA B 115 -11.80 -24.63 7.52
N TRP B 116 -11.06 -23.57 7.80
CA TRP B 116 -10.14 -23.58 8.94
C TRP B 116 -10.07 -22.23 9.63
N LYS B 117 -9.56 -22.23 10.85
CA LYS B 117 -9.59 -21.04 11.70
C LYS B 117 -8.18 -20.44 11.81
N GLY B 118 -8.12 -19.11 11.80
CA GLY B 118 -6.85 -18.42 11.91
C GLY B 118 -6.95 -17.14 12.67
N ILE B 119 -5.83 -16.41 12.66
CA ILE B 119 -5.73 -15.13 13.35
C ILE B 119 -4.87 -14.24 12.50
N VAL B 120 -5.26 -12.98 12.42
CA VAL B 120 -4.49 -11.98 11.71
C VAL B 120 -3.28 -11.54 12.53
N VAL B 121 -2.10 -11.66 11.93
CA VAL B 121 -0.85 -11.44 12.67
C VAL B 121 -0.20 -10.07 12.44
N SER B 122 -0.68 -9.35 11.44
CA SER B 122 -0.20 -8.01 11.12
CA SER B 122 -0.22 -7.99 11.16
C SER B 122 -1.39 -7.24 10.57
N ASN B 123 -1.44 -5.91 10.77
CA ASN B 123 -2.56 -5.15 10.21
C ASN B 123 -2.70 -5.42 8.72
N SER B 124 -3.93 -5.65 8.27
CA SER B 124 -4.11 -6.11 6.94
C SER B 124 -5.43 -5.54 6.42
N ALA B 125 -5.98 -6.13 5.38
CA ALA B 125 -7.20 -5.62 4.76
C ALA B 125 -8.01 -6.78 4.19
N LEU B 126 -9.30 -6.54 4.12
CA LEU B 126 -10.20 -7.35 3.35
C LEU B 126 -10.43 -6.54 2.06
N ARG B 127 -10.21 -7.18 0.91
CA ARG B 127 -10.33 -6.62 -0.41
C ARG B 127 -11.49 -7.27 -1.17
N GLU B 128 -12.08 -6.53 -2.10
CA GLU B 128 -13.22 -6.99 -2.87
CA GLU B 128 -13.23 -7.00 -2.85
C GLU B 128 -12.83 -8.08 -3.85
N VAL B 129 -11.57 -8.02 -4.27
CA VAL B 129 -10.96 -9.01 -5.16
C VAL B 129 -9.52 -9.19 -4.68
N PRO B 130 -8.86 -10.31 -5.02
CA PRO B 130 -7.56 -10.58 -4.39
C PRO B 130 -6.38 -9.86 -5.07
N THR B 131 -6.33 -8.56 -4.83
CA THR B 131 -5.22 -7.71 -5.26
C THR B 131 -5.14 -6.50 -4.34
N LEU B 132 -3.93 -6.02 -4.13
CA LEU B 132 -3.69 -4.76 -3.43
C LEU B 132 -3.60 -3.56 -4.37
N ARG B 133 -3.67 -3.82 -5.69
CA ARG B 133 -3.83 -2.76 -6.64
C ARG B 133 -5.25 -2.19 -6.52
N PRO B 134 -5.40 -0.89 -6.78
CA PRO B 134 -6.65 -0.19 -6.55
C PRO B 134 -7.63 -0.20 -7.72
N PHE B 136 -10.48 2.72 -9.06
CA PHE B 136 -11.12 4.00 -8.92
C PHE B 136 -12.23 4.06 -9.96
N THR B 137 -13.42 4.51 -9.58
CA THR B 137 -14.52 4.49 -10.53
C THR B 137 -14.32 5.56 -11.56
N ALA B 138 -13.74 6.70 -11.18
CA ALA B 138 -13.60 7.79 -12.18
C ALA B 138 -12.59 8.79 -11.72
N PRO B 139 -11.31 8.60 -12.10
CA PRO B 139 -10.21 9.45 -11.57
C PRO B 139 -10.40 10.97 -11.79
N THR B 140 -11.09 11.37 -12.85
CA THR B 140 -11.25 12.79 -13.13
C THR B 140 -12.44 13.41 -12.41
N ARG B 141 -13.27 12.61 -11.75
CA ARG B 141 -14.46 13.15 -11.06
CA ARG B 141 -14.46 13.15 -11.05
C ARG B 141 -14.22 13.27 -9.55
N ALA B 142 -14.60 14.42 -9.00
CA ALA B 142 -14.49 14.66 -7.57
C ALA B 142 -15.16 13.55 -6.78
N GLY B 143 -14.48 13.06 -5.75
CA GLY B 143 -15.00 11.95 -4.94
C GLY B 143 -14.89 10.55 -5.53
N GLN B 144 -14.37 10.44 -6.75
CA GLN B 144 -14.29 9.14 -7.41
C GLN B 144 -12.92 8.70 -7.87
N GLY B 145 -11.90 9.49 -7.56
CA GLY B 145 -10.54 9.15 -7.88
C GLY B 145 -9.81 8.74 -6.64
N TYR B 146 -8.49 8.79 -6.71
CA TYR B 146 -7.67 8.60 -5.52
C TYR B 146 -8.13 9.61 -4.45
N PRO B 147 -8.25 9.22 -3.18
CA PRO B 147 -7.87 7.94 -2.57
C PRO B 147 -8.99 6.95 -2.33
N PHE B 148 -10.02 7.01 -3.17
CA PHE B 148 -11.17 6.10 -3.01
C PHE B 148 -10.94 4.81 -3.75
N ASP B 149 -10.10 3.96 -3.17
CA ASP B 149 -9.86 2.63 -3.69
C ASP B 149 -11.05 1.74 -3.33
N PHE B 151 -11.74 -1.26 -4.14
CA PHE B 151 -11.43 -2.62 -3.69
C PHE B 151 -11.12 -2.74 -2.20
N GLN B 152 -11.02 -1.62 -1.47
CA GLN B 152 -10.75 -1.69 -0.05
C GLN B 152 -12.09 -1.81 0.67
N ARG B 153 -12.37 -2.98 1.19
CA ARG B 153 -13.58 -3.17 1.97
C ARG B 153 -13.38 -2.69 3.41
N THR B 154 -12.30 -3.12 4.06
CA THR B 154 -12.00 -2.68 5.40
C THR B 154 -10.59 -3.08 5.80
N ALA B 155 -9.91 -2.24 6.59
CA ALA B 155 -8.75 -2.66 7.30
C ALA B 155 -9.14 -3.71 8.35
N VAL B 156 -8.20 -4.57 8.66
CA VAL B 156 -8.35 -5.51 9.77
C VAL B 156 -7.13 -5.44 10.68
N TRP B 157 -7.34 -5.20 11.97
CA TRP B 157 -6.22 -5.04 12.88
C TRP B 157 -5.67 -6.41 13.26
N GLY B 159 -4.46 -9.39 15.57
CA GLY B 159 -5.20 -10.00 16.65
C GLY B 159 -6.63 -10.44 16.34
N THR B 160 -7.10 -10.23 15.12
CA THR B 160 -8.51 -10.47 14.76
C THR B 160 -8.69 -11.93 14.33
N PRO B 161 -9.57 -12.65 15.03
CA PRO B 161 -9.92 -14.01 14.60
C PRO B 161 -10.59 -14.04 13.23
N VAL B 162 -10.23 -15.03 12.41
CA VAL B 162 -10.84 -15.22 11.12
C VAL B 162 -11.21 -16.69 10.93
N PHE B 163 -12.22 -16.89 10.13
CA PHE B 163 -12.54 -18.16 9.55
C PHE B 163 -12.19 -18.12 8.06
N VAL B 164 -11.45 -19.13 7.64
CA VAL B 164 -10.95 -19.19 6.26
C VAL B 164 -11.78 -20.15 5.43
N GLY B 165 -12.35 -19.62 4.34
CA GLY B 165 -13.27 -20.40 3.50
C GLY B 165 -12.77 -20.72 2.11
N HIS B 166 -11.70 -20.08 1.66
CA HIS B 166 -11.28 -20.26 0.27
C HIS B 166 -9.86 -19.76 0.14
N ALA B 167 -9.19 -20.22 -0.91
CA ALA B 167 -7.87 -19.69 -1.28
C ALA B 167 -7.83 -19.57 -2.79
N THR B 168 -7.04 -18.63 -3.27
CA THR B 168 -6.69 -18.62 -4.69
C THR B 168 -5.90 -19.86 -5.07
N ALA B 169 -5.86 -20.14 -6.37
CA ALA B 169 -5.22 -21.34 -6.88
C ALA B 169 -3.73 -21.38 -6.47
N ASP B 170 -3.10 -20.21 -6.43
CA ASP B 170 -1.67 -20.10 -6.11
C ASP B 170 -1.38 -20.02 -4.60
N ARG B 171 -2.46 -19.99 -3.82
CA ARG B 171 -2.42 -19.98 -2.36
C ARG B 171 -1.96 -18.66 -1.74
N ALA B 172 -1.78 -17.61 -2.56
CA ALA B 172 -1.25 -16.34 -2.10
C ALA B 172 -2.30 -15.50 -1.40
N TRP B 173 -3.59 -15.78 -1.66
CA TRP B 173 -4.70 -15.04 -1.07
C TRP B 173 -5.73 -15.99 -0.49
N LEU B 174 -6.36 -15.56 0.60
CA LEU B 174 -7.43 -16.29 1.24
C LEU B 174 -8.72 -15.48 1.18
N TYR B 175 -9.85 -16.15 1.19
CA TYR B 175 -11.13 -15.48 1.42
C TYR B 175 -11.53 -15.82 2.83
N VAL B 176 -11.66 -14.80 3.68
CA VAL B 176 -11.82 -15.02 5.09
C VAL B 176 -12.97 -14.19 5.61
N GLU B 177 -13.45 -14.59 6.76
CA GLU B 177 -14.50 -13.87 7.49
C GLU B 177 -14.04 -13.47 8.88
N THR B 178 -14.12 -12.17 9.19
CA THR B 178 -13.94 -11.66 10.54
C THR B 178 -15.32 -11.54 11.18
N ALA B 179 -15.38 -11.11 12.44
CA ALA B 179 -16.68 -10.88 13.13
C ALA B 179 -17.52 -9.83 12.42
N PHE B 180 -16.89 -8.94 11.64
CA PHE B 180 -17.54 -7.73 11.14
C PHE B 180 -17.61 -7.58 9.63
N ALA B 181 -16.94 -8.47 8.88
CA ALA B 181 -16.88 -8.36 7.43
C ALA B 181 -16.14 -9.60 6.87
N ALA B 182 -16.23 -9.76 5.57
CA ALA B 182 -15.52 -10.83 4.87
C ALA B 182 -14.91 -10.26 3.59
N GLY B 183 -13.90 -10.92 3.05
CA GLY B 183 -13.23 -10.46 1.83
C GLY B 183 -11.93 -11.22 1.66
N TRP B 184 -11.16 -10.82 0.66
CA TRP B 184 -9.90 -11.43 0.33
C TRP B 184 -8.78 -10.76 1.13
N PRO B 186 -4.34 -11.20 2.12
CA PRO B 186 -3.09 -11.91 1.78
C PRO B 186 -2.85 -13.07 2.75
N ALA B 187 -2.49 -14.24 2.23
CA ALA B 187 -2.34 -15.43 3.05
C ALA B 187 -1.29 -15.29 4.12
N ALA B 188 -0.24 -14.54 3.84
CA ALA B 188 0.85 -14.39 4.79
C ALA B 188 0.48 -13.59 6.03
N ASP B 189 -0.66 -12.89 6.01
CA ASP B 189 -1.13 -12.16 7.16
C ASP B 189 -1.98 -13.00 8.11
N VAL B 190 -2.20 -14.29 7.80
CA VAL B 190 -3.05 -15.14 8.61
C VAL B 190 -2.22 -16.34 9.08
N ALA B 191 -2.27 -16.58 10.40
CA ALA B 191 -1.71 -17.82 11.00
C ALA B 191 -2.82 -18.80 11.35
N ARG B 192 -2.60 -20.09 11.09
CA ARG B 192 -3.57 -21.13 11.40
CA ARG B 192 -3.58 -21.13 11.40
CA ARG B 192 -3.59 -21.12 11.40
C ARG B 192 -3.57 -21.40 12.91
N VAL B 193 -4.75 -21.51 13.50
CA VAL B 193 -4.81 -21.78 14.94
C VAL B 193 -5.43 -23.15 15.19
N ASP B 194 -5.00 -23.81 16.27
CA ASP B 194 -5.58 -25.09 16.66
C ASP B 194 -6.36 -24.91 17.97
N ASP B 195 -7.02 -25.99 18.42
CA ASP B 195 -7.86 -25.94 19.62
C ASP B 195 -7.11 -25.48 20.84
N ALA B 196 -5.92 -26.04 21.04
CA ALA B 196 -5.04 -25.64 22.14
C ALA B 196 -4.79 -24.13 22.11
N PHE B 197 -4.38 -23.63 20.94
CA PHE B 197 -4.12 -22.23 20.79
C PHE B 197 -5.35 -21.41 21.12
N THR B 199 -8.17 -22.05 22.83
CA THR B 199 -8.58 -22.15 24.24
C THR B 199 -7.74 -21.29 25.13
N ARG B 200 -6.42 -21.38 24.96
CA ARG B 200 -5.51 -20.56 25.72
CA ARG B 200 -5.49 -20.57 25.71
C ARG B 200 -5.68 -19.09 25.38
N TYR B 201 -5.79 -18.77 24.11
CA TYR B 201 -5.96 -17.38 23.68
C TYR B 201 -7.19 -16.66 24.29
N GLU B 202 -8.32 -17.36 24.37
CA GLU B 202 -9.55 -16.81 24.97
C GLU B 202 -9.63 -16.93 26.49
N SER B 203 -8.71 -17.63 27.13
CA SER B 203 -8.79 -17.70 28.59
C SER B 203 -8.14 -16.41 29.12
N GLY B 204 -8.53 -16.05 30.33
CA GLY B 204 -7.95 -14.89 30.98
C GLY B 204 -8.44 -13.59 30.38
N SER B 205 -7.85 -12.53 30.87
CA SER B 205 -8.27 -11.20 30.58
C SER B 205 -7.71 -10.78 29.23
N LEU B 206 -8.37 -9.80 28.63
CA LEU B 206 -7.90 -9.13 27.43
C LEU B 206 -7.45 -7.72 27.79
N ALA B 207 -6.51 -7.20 27.00
CA ALA B 207 -6.09 -5.82 27.04
C ALA B 207 -6.57 -5.09 25.78
N ALA B 208 -6.87 -3.80 25.94
CA ALA B 208 -7.16 -2.88 24.85
C ALA B 208 -5.94 -2.01 24.65
N ILE B 209 -5.51 -1.88 23.41
CA ILE B 209 -4.46 -0.95 23.02
C ILE B 209 -5.03 0.49 23.04
N LEU B 210 -4.26 1.40 23.62
CA LEU B 210 -4.76 2.74 23.97
C LEU B 210 -4.12 3.86 23.16
N ARG B 211 -3.10 3.52 22.40
CA ARG B 211 -2.45 4.47 21.51
C ARG B 211 -2.26 3.90 20.13
N ASP B 212 -2.42 4.76 19.14
CA ASP B 212 -2.12 4.37 17.79
C ASP B 212 -0.61 4.19 17.59
N ASP B 213 -0.24 3.37 16.60
CA ASP B 213 1.14 3.15 16.25
C ASP B 213 1.95 2.64 17.42
N THR B 214 1.33 1.78 18.19
CA THR B 214 2.02 1.08 19.28
C THR B 214 2.82 -0.12 18.73
N SER B 215 4.14 -0.01 18.75
CA SER B 215 5.02 -1.06 18.27
C SER B 215 5.09 -2.23 19.26
N LEU B 216 4.88 -3.44 18.76
CA LEU B 216 4.93 -4.65 19.59
C LEU B 216 6.23 -5.38 19.28
N ASN B 217 7.14 -5.38 20.25
CA ASN B 217 8.44 -6.00 20.12
C ASN B 217 8.64 -7.06 21.19
N GLY B 218 9.23 -8.18 20.80
CA GLY B 218 9.59 -9.21 21.74
C GLY B 218 10.67 -8.77 22.71
N ALA B 219 10.84 -9.51 23.80
CA ALA B 219 11.90 -9.19 24.78
C ALA B 219 13.32 -9.30 24.16
N ASP B 220 13.47 -10.09 23.10
CA ASP B 220 14.72 -10.19 22.35
C ASP B 220 15.00 -9.04 21.41
N GLY B 221 14.08 -8.06 21.38
CA GLY B 221 14.18 -6.91 20.47
C GLY B 221 13.58 -7.09 19.07
N THR B 222 13.06 -8.28 18.79
CA THR B 222 12.45 -8.52 17.47
C THR B 222 11.15 -7.75 17.32
N HIS B 223 11.03 -6.95 16.27
CA HIS B 223 9.78 -6.31 16.00
C HIS B 223 8.79 -7.28 15.39
N LEU B 224 7.57 -7.28 15.95
CA LEU B 224 6.55 -8.24 15.54
C LEU B 224 5.49 -7.56 14.68
N ALA B 225 4.89 -6.48 15.17
CA ALA B 225 3.81 -5.82 14.45
C ALA B 225 3.53 -4.53 15.17
N THR B 226 2.66 -3.72 14.58
CA THR B 226 2.18 -2.46 15.17
C THR B 226 0.68 -2.53 15.44
N ALA B 227 0.28 -2.04 16.59
CA ALA B 227 -1.12 -2.09 17.00
C ALA B 227 -1.66 -0.70 17.21
N HIS B 228 -2.94 -0.54 16.90
CA HIS B 228 -3.62 0.72 16.97
C HIS B 228 -4.80 0.60 17.93
N ILE B 229 -5.36 1.73 18.29
CA ILE B 229 -6.61 1.78 19.05
C ILE B 229 -7.69 0.99 18.28
N GLY B 230 -8.37 0.14 19.04
CA GLY B 230 -9.28 -0.84 18.49
C GLY B 230 -8.77 -2.27 18.57
N THR B 231 -7.45 -2.41 18.80
CA THR B 231 -6.81 -3.72 18.92
C THR B 231 -6.99 -4.28 20.33
N VAL B 232 -7.26 -5.58 20.38
CA VAL B 232 -7.39 -6.32 21.63
CA VAL B 232 -7.31 -6.28 21.67
C VAL B 232 -6.44 -7.51 21.57
N LEU B 233 -5.77 -7.79 22.69
CA LEU B 233 -4.86 -8.90 22.83
C LEU B 233 -5.02 -9.46 24.21
N PRO B 234 -4.72 -10.77 24.38
CA PRO B 234 -4.66 -11.32 25.73
C PRO B 234 -3.65 -10.60 26.61
N LEU B 235 -4.03 -10.41 27.88
CA LEU B 235 -3.22 -9.73 28.88
C LEU B 235 -2.70 -10.84 29.77
N SER B 236 -1.39 -11.02 29.83
CA SER B 236 -0.81 -12.11 30.61
C SER B 236 -0.15 -11.64 31.88
N GLY B 237 0.04 -10.33 32.05
CA GLY B 237 0.59 -9.81 33.29
C GLY B 237 0.43 -8.31 33.34
N ALA B 238 0.41 -7.76 34.55
CA ALA B 238 0.32 -6.33 34.70
C ALA B 238 1.04 -5.97 35.97
N SER B 239 1.91 -4.97 35.90
CA SER B 239 2.60 -4.41 37.09
C SER B 239 2.18 -2.94 37.25
N GLN B 240 2.91 -2.16 38.05
CA GLN B 240 2.41 -0.79 38.35
C GLN B 240 2.35 0.05 37.07
N VAL B 241 3.42 0.00 36.28
CA VAL B 241 3.49 0.77 35.02
C VAL B 241 3.57 -0.08 33.75
N GLY B 242 3.64 -1.41 33.90
CA GLY B 242 3.82 -2.31 32.76
C GLY B 242 2.64 -3.24 32.55
N ARG B 243 2.44 -3.65 31.30
CA ARG B 243 1.41 -4.60 30.95
C ARG B 243 2.01 -5.55 29.94
N THR B 244 1.91 -6.85 30.17
CA THR B 244 2.38 -7.85 29.21
C THR B 244 1.20 -8.44 28.46
N VAL B 245 1.30 -8.40 27.13
CA VAL B 245 0.29 -8.93 26.24
C VAL B 245 0.88 -10.08 25.42
N LEU B 246 0.00 -10.94 24.93
CA LEU B 246 0.38 -12.06 24.08
C LEU B 246 0.07 -11.68 22.64
N VAL B 247 1.11 -11.70 21.83
CA VAL B 247 1.04 -11.28 20.44
C VAL B 247 1.10 -12.53 19.57
N PRO B 248 0.06 -12.74 18.74
CA PRO B 248 0.11 -13.87 17.80
C PRO B 248 1.11 -13.61 16.70
N VAL B 249 1.95 -14.60 16.40
CA VAL B 249 2.97 -14.50 15.36
C VAL B 249 2.86 -15.73 14.44
N ARG B 250 3.07 -15.54 13.13
CA ARG B 250 3.01 -16.68 12.23
C ARG B 250 4.38 -17.35 12.13
N ALA B 251 4.46 -18.62 12.49
CA ALA B 251 5.69 -19.39 12.37
C ALA B 251 5.93 -19.73 10.88
N PRO B 252 7.15 -20.16 10.52
CA PRO B 252 7.45 -20.51 9.12
C PRO B 252 6.54 -21.60 8.56
N GLU B 253 6.04 -22.51 9.44
CA GLU B 253 5.17 -23.61 9.04
C GLU B 253 3.70 -23.18 9.01
N GLY B 254 3.42 -21.91 9.25
CA GLY B 254 2.09 -21.34 8.99
C GLY B 254 1.14 -21.22 10.14
N HIS B 255 1.48 -21.87 11.25
CA HIS B 255 0.65 -21.85 12.46
C HIS B 255 1.00 -20.66 13.33
N ALA B 256 0.06 -20.31 14.20
CA ALA B 256 0.24 -19.26 15.20
C ALA B 256 1.00 -19.72 16.44
N VAL B 257 1.91 -18.86 16.87
CA VAL B 257 2.49 -18.94 18.22
C VAL B 257 2.25 -17.60 18.92
N VAL B 258 2.39 -17.57 20.24
CA VAL B 258 2.31 -16.30 20.93
C VAL B 258 3.67 -15.90 21.50
N VAL B 259 3.98 -14.62 21.35
CA VAL B 259 5.19 -14.01 21.92
C VAL B 259 4.74 -12.92 22.92
N PRO B 260 5.20 -13.02 24.18
CA PRO B 260 4.83 -12.01 25.16
C PRO B 260 5.55 -10.69 24.88
N VAL B 261 4.80 -9.60 24.99
CA VAL B 261 5.31 -8.26 24.69
C VAL B 261 5.00 -7.34 25.85
N LEU B 262 6.00 -6.61 26.31
CA LEU B 262 5.82 -5.66 27.42
C LEU B 262 5.47 -4.27 26.89
N LEU B 263 4.33 -3.75 27.32
CA LEU B 263 3.94 -2.40 27.00
C LEU B 263 3.82 -1.59 28.30
N THR B 264 3.68 -0.28 28.18
CA THR B 264 3.43 0.58 29.33
C THR B 264 1.93 0.63 29.65
N SER B 265 1.60 1.15 30.83
CA SER B 265 0.18 1.31 31.18
C SER B 265 -0.42 2.47 30.39
N GLY B 266 0.40 3.30 29.77
CA GLY B 266 -0.09 4.31 28.83
C GLY B 266 -0.52 3.71 27.47
N GLU B 267 -0.02 2.52 27.14
CA GLU B 267 -0.27 1.87 25.82
C GLU B 267 -1.31 0.79 25.86
N ALA B 268 -1.58 0.22 27.04
CA ALA B 268 -2.50 -0.88 27.17
C ALA B 268 -3.15 -0.87 28.55
N ALA B 269 -4.42 -1.23 28.60
CA ALA B 269 -5.16 -1.41 29.85
C ALA B 269 -6.01 -2.65 29.74
N GLN B 270 -6.30 -3.24 30.89
CA GLN B 270 -7.24 -4.34 30.92
C GLN B 270 -8.58 -3.85 30.40
N LYS B 271 -9.19 -4.65 29.52
CA LYS B 271 -10.47 -4.32 28.94
C LYS B 271 -11.58 -4.81 29.87
N PRO B 272 -12.64 -3.99 30.06
CA PRO B 272 -12.92 -2.67 29.48
C PRO B 272 -12.38 -1.58 30.37
N VAL B 273 -11.98 -0.50 29.70
CA VAL B 273 -11.67 0.75 30.33
C VAL B 273 -13.00 1.33 30.80
N PRO B 274 -13.04 1.94 31.99
CA PRO B 274 -14.34 2.53 32.36
C PRO B 274 -14.84 3.58 31.41
N LEU B 275 -16.14 3.53 31.15
CA LEU B 275 -16.74 4.39 30.16
C LEU B 275 -17.15 5.74 30.82
N THR B 276 -16.31 6.74 30.62
CA THR B 276 -16.54 8.09 31.13
C THR B 276 -16.21 9.03 29.96
N PRO B 277 -16.74 10.25 29.99
CA PRO B 277 -16.34 11.20 28.95
C PRO B 277 -14.86 11.51 28.94
N GLY B 278 -14.25 11.61 30.12
CA GLY B 278 -12.80 11.85 30.23
C GLY B 278 -11.96 10.74 29.61
N ASN B 279 -12.35 9.50 29.88
CA ASN B 279 -11.64 8.35 29.31
C ASN B 279 -11.83 8.31 27.80
N ALA B 281 -12.43 10.91 25.90
CA ALA B 281 -11.73 12.05 25.32
C ALA B 281 -10.25 11.76 25.13
N GLU B 282 -9.66 11.03 26.08
CA GLU B 282 -8.23 10.78 26.02
C GLU B 282 -7.89 9.91 24.81
N LEU B 283 -8.74 8.91 24.54
CA LEU B 283 -8.55 8.05 23.39
C LEU B 283 -8.85 8.75 22.08
N GLY B 284 -10.00 9.41 22.02
CA GLY B 284 -10.38 10.19 20.85
C GLY B 284 -9.40 11.29 20.46
N ASN B 285 -8.82 11.97 21.44
CA ASN B 285 -7.81 12.98 21.15
C ASN B 285 -6.59 12.39 20.42
N ARG B 286 -6.29 11.11 20.66
CA ARG B 286 -5.23 10.42 19.93
C ARG B 286 -5.51 10.24 18.45
N GLY B 289 -7.24 14.79 14.19
CA GLY B 289 -6.37 15.16 13.09
C GLY B 289 -5.86 14.02 12.22
N GLN B 290 -6.18 12.76 12.55
CA GLN B 290 -5.67 11.65 11.75
C GLN B 290 -6.31 11.74 10.37
N PRO B 291 -5.51 11.54 9.31
CA PRO B 291 -6.07 11.52 7.96
C PRO B 291 -7.16 10.49 7.74
N TYR B 292 -8.15 10.87 6.93
CA TYR B 292 -9.20 9.99 6.48
C TYR B 292 -8.64 8.96 5.49
N GLY B 293 -8.98 7.68 5.69
CA GLY B 293 -8.71 6.62 4.72
C GLY B 293 -9.98 5.79 4.50
N TRP B 294 -10.47 5.80 3.28
CA TRP B 294 -11.64 5.03 2.86
C TRP B 294 -11.41 3.56 3.14
N GLY B 295 -12.30 2.95 3.92
CA GLY B 295 -12.15 1.59 4.36
C GLY B 295 -10.86 1.27 5.06
N GLY B 296 -10.29 2.29 5.71
CA GLY B 296 -9.09 2.07 6.42
C GLY B 296 -7.84 1.99 5.57
N LEU B 297 -7.89 2.51 4.35
CA LEU B 297 -6.68 2.58 3.53
C LEU B 297 -5.55 3.25 4.31
N TYR B 298 -4.31 2.74 4.12
CA TYR B 298 -3.09 3.24 4.77
C TYR B 298 -3.08 3.03 6.29
N GLU B 299 -3.97 2.19 6.79
CA GLU B 299 -4.21 2.02 8.23
C GLU B 299 -4.76 3.29 8.86
N ASP B 300 -5.34 4.17 8.04
CA ASP B 300 -6.05 5.33 8.54
C ASP B 300 -7.47 4.84 8.99
N ARG B 301 -8.39 5.79 9.15
CA ARG B 301 -9.76 5.44 9.56
C ARG B 301 -10.73 6.24 8.75
N ASP B 302 -11.96 5.73 8.67
CA ASP B 302 -13.02 6.45 8.03
C ASP B 302 -14.08 6.79 9.12
N CYS B 303 -15.27 7.26 8.74
CA CYS B 303 -16.22 7.74 9.72
C CYS B 303 -16.60 6.62 10.69
N SER B 304 -16.88 5.43 10.17
CA SER B 304 -17.38 4.33 10.98
C SER B 304 -16.24 3.58 11.70
N SER B 305 -15.06 3.43 11.10
CA SER B 305 -14.00 2.74 11.81
C SER B 305 -13.50 3.59 12.97
N THR B 306 -13.63 4.90 12.82
CA THR B 306 -13.33 5.83 13.92
C THR B 306 -14.16 5.50 15.14
N LEU B 307 -15.45 5.36 14.96
CA LEU B 307 -16.39 5.13 16.06
C LEU B 307 -16.24 3.74 16.64
N ARG B 308 -16.10 2.72 15.79
CA ARG B 308 -15.91 1.36 16.26
C ARG B 308 -14.65 1.26 17.11
N ASP B 309 -13.54 1.81 16.60
CA ASP B 309 -12.28 1.70 17.33
C ASP B 309 -12.30 2.52 18.63
N LEU B 310 -12.95 3.68 18.61
CA LEU B 310 -13.11 4.48 19.83
C LEU B 310 -13.88 3.75 20.92
N PHE B 311 -14.92 3.01 20.56
CA PHE B 311 -15.72 2.33 21.58
C PHE B 311 -15.18 0.98 22.00
N THR B 312 -14.26 0.39 21.24
CA THR B 312 -13.74 -0.95 21.54
C THR B 312 -13.10 -1.02 22.91
N PRO B 313 -12.23 -0.06 23.26
CA PRO B 313 -11.60 -0.20 24.59
C PRO B 313 -12.59 -0.24 25.77
N PHE B 314 -13.80 0.29 25.57
CA PHE B 314 -14.85 0.33 26.59
C PHE B 314 -15.77 -0.90 26.53
N GLY B 315 -15.54 -1.74 25.54
CA GLY B 315 -16.33 -2.97 25.34
C GLY B 315 -17.71 -2.77 24.70
N LEU B 316 -17.98 -1.63 24.06
CA LEU B 316 -19.24 -1.45 23.36
C LEU B 316 -19.04 -1.79 21.88
N TRP B 317 -19.62 -2.92 21.45
CA TRP B 317 -19.43 -3.42 20.10
C TRP B 317 -20.21 -2.59 19.12
N LEU B 318 -19.54 -2.10 18.09
CA LEU B 318 -20.22 -1.51 16.94
C LEU B 318 -19.85 -2.29 15.68
N PRO B 319 -20.83 -2.47 14.77
CA PRO B 319 -20.53 -3.04 13.45
C PRO B 319 -19.66 -2.11 12.61
N ARG B 320 -19.20 -2.59 11.46
CA ARG B 320 -18.25 -1.86 10.66
C ARG B 320 -18.83 -0.70 9.88
N ASN B 321 -20.02 -0.84 9.33
CA ASN B 321 -20.51 0.20 8.42
CA ASN B 321 -20.61 0.13 8.38
C ASN B 321 -21.46 1.19 9.07
N SER B 322 -21.43 2.42 8.57
CA SER B 322 -22.17 3.54 9.15
C SER B 322 -23.71 3.26 9.33
N ALA B 323 -24.31 2.71 8.29
CA ALA B 323 -25.75 2.43 8.31
C ALA B 323 -26.09 1.38 9.36
N SER B 324 -25.23 0.38 9.54
CA SER B 324 -25.41 -0.59 10.65
C SER B 324 -25.22 0.01 12.04
N GLN B 325 -24.25 0.91 12.18
CA GLN B 325 -23.99 1.55 13.47
C GLN B 325 -25.18 2.41 13.89
N ALA B 326 -25.81 3.05 12.92
CA ALA B 326 -27.02 3.82 13.18
C ALA B 326 -28.16 2.96 13.76
N LYS B 327 -28.15 1.66 13.49
CA LYS B 327 -29.21 0.76 14.00
C LYS B 327 -28.94 0.21 15.39
N ALA B 328 -27.77 0.54 15.93
N ALA B 328 -27.72 0.35 15.87
CA ALA B 328 -27.41 0.22 17.30
CA ALA B 328 -27.27 -0.52 16.96
C ALA B 328 -28.08 1.14 18.29
C ALA B 328 -27.78 -0.15 18.34
N GLY B 329 -28.18 0.65 19.52
N GLY B 329 -28.16 1.13 18.56
CA GLY B 329 -28.80 1.39 20.58
CA GLY B 329 -28.67 1.61 19.87
C GLY B 329 -30.21 1.81 20.21
C GLY B 329 -30.16 2.01 19.90
N ARG B 330 -30.57 2.94 20.77
CA ARG B 330 -31.95 3.43 20.76
C ARG B 330 -32.05 4.53 19.71
N TYR B 331 -32.88 4.27 18.69
CA TYR B 331 -33.03 5.17 17.55
C TYR B 331 -33.99 6.31 17.84
N VAL B 332 -33.70 7.48 17.29
CA VAL B 332 -34.66 8.57 17.28
C VAL B 332 -34.66 9.06 15.85
N ASP B 333 -35.79 8.89 15.16
CA ASP B 333 -35.92 9.34 13.77
C ASP B 333 -36.10 10.87 13.80
N ILE B 334 -35.36 11.56 12.95
CA ILE B 334 -35.47 13.00 12.79
C ILE B 334 -35.58 13.38 11.30
N ALA B 335 -35.76 12.39 10.41
CA ALA B 335 -35.58 12.60 8.96
C ALA B 335 -36.38 13.71 8.32
N LYS B 336 -37.62 13.86 8.75
CA LYS B 336 -38.54 14.77 8.09
C LYS B 336 -38.54 16.18 8.70
N LEU B 337 -37.79 16.39 9.78
CA LEU B 337 -37.74 17.72 10.42
C LEU B 337 -36.99 18.77 9.62
N ASP B 338 -37.44 20.02 9.73
CA ASP B 338 -36.69 21.21 9.27
C ASP B 338 -35.32 21.15 9.94
N ALA B 339 -34.31 21.69 9.27
CA ALA B 339 -32.94 21.60 9.78
C ALA B 339 -32.81 22.15 11.20
N ASP B 340 -33.35 23.33 11.48
CA ASP B 340 -33.21 23.89 12.82
C ASP B 340 -33.99 23.05 13.86
N ASP B 341 -35.10 22.46 13.42
CA ASP B 341 -35.86 21.56 14.31
C ASP B 341 -35.05 20.30 14.58
N LYS B 342 -34.27 19.82 13.58
CA LYS B 342 -33.41 18.66 13.77
C LYS B 342 -32.34 18.94 14.83
N GLU B 343 -31.65 20.06 14.68
CA GLU B 343 -30.62 20.48 15.63
C GLU B 343 -31.23 20.61 17.02
N ALA B 344 -32.41 21.23 17.11
CA ALA B 344 -33.11 21.35 18.41
C ALA B 344 -33.42 19.98 19.06
N ARG B 345 -33.83 19.02 18.24
CA ARG B 345 -34.15 17.69 18.77
CA ARG B 345 -34.14 17.67 18.73
C ARG B 345 -32.88 16.97 19.21
N ILE B 346 -31.77 17.14 18.48
CA ILE B 346 -30.49 16.56 18.87
C ILE B 346 -30.09 17.13 20.23
N VAL B 347 -30.24 18.43 20.37
CA VAL B 347 -29.95 19.13 21.60
C VAL B 347 -30.86 18.68 22.75
N ALA B 348 -32.14 18.47 22.49
CA ALA B 348 -33.08 18.08 23.54
C ALA B 348 -32.92 16.62 23.96
N GLU B 349 -32.62 15.74 23.02
CA GLU B 349 -32.67 14.30 23.29
C GLU B 349 -31.34 13.56 23.23
N GLY B 350 -30.35 14.16 22.59
CA GLY B 350 -29.05 13.57 22.44
C GLY B 350 -28.37 13.45 23.78
N VAL B 351 -27.64 12.36 23.95
CA VAL B 351 -26.90 12.09 25.16
C VAL B 351 -25.43 12.27 24.81
N PRO B 352 -24.79 13.32 25.31
CA PRO B 352 -23.40 13.56 25.01
C PRO B 352 -22.48 12.36 25.27
N PHE B 353 -21.61 12.09 24.28
CA PHE B 353 -20.61 11.05 24.25
C PHE B 353 -21.20 9.66 24.06
N THR B 355 -24.20 9.26 21.72
CA THR B 355 -25.18 9.36 20.66
C THR B 355 -24.47 9.46 19.32
N LEU B 356 -24.89 8.65 18.36
CA LEU B 356 -24.41 8.76 17.00
C LEU B 356 -25.42 9.49 16.14
N LEU B 357 -24.92 10.38 15.27
CA LEU B 357 -25.75 11.13 14.35
C LEU B 357 -25.47 10.61 12.96
N TRP B 358 -26.54 10.24 12.26
CA TRP B 358 -26.42 9.52 11.01
C TRP B 358 -27.12 10.17 9.85
N LEU B 359 -26.38 10.27 8.76
CA LEU B 359 -26.92 10.61 7.44
C LEU B 359 -26.42 9.54 6.49
N ARG B 360 -27.02 9.39 5.31
CA ARG B 360 -26.56 8.37 4.39
CA ARG B 360 -26.57 8.37 4.38
C ARG B 360 -25.11 8.67 4.00
N GLY B 361 -24.24 7.71 4.26
CA GLY B 361 -22.83 7.78 3.96
C GLY B 361 -21.94 8.45 5.02
N HIS B 362 -22.50 8.85 6.15
CA HIS B 362 -21.65 9.48 7.20
C HIS B 362 -22.25 9.31 8.56
N ILE B 363 -21.40 9.11 9.54
CA ILE B 363 -21.84 8.99 10.91
C ILE B 363 -20.87 9.73 11.83
N THR B 364 -21.39 10.28 12.91
CA THR B 364 -20.60 11.13 13.82
C THR B 364 -20.98 10.85 15.27
N LEU B 365 -20.11 11.26 16.19
CA LEU B 365 -20.39 11.20 17.63
C LEU B 365 -20.76 12.60 18.19
N TYR B 366 -21.93 12.68 18.79
CA TYR B 366 -22.43 13.89 19.42
C TYR B 366 -21.75 14.07 20.76
N LEU B 367 -21.25 15.27 21.00
CA LEU B 367 -20.44 15.54 22.20
C LEU B 367 -21.15 16.43 23.23
N GLY B 368 -22.28 16.99 22.83
CA GLY B 368 -23.01 17.95 23.67
C GLY B 368 -23.05 19.29 22.98
N LEU B 369 -23.57 20.29 23.68
CA LEU B 369 -23.62 21.65 23.23
C LEU B 369 -22.31 22.34 23.54
N HIS B 370 -21.82 23.11 22.59
CA HIS B 370 -20.69 23.99 22.80
C HIS B 370 -21.08 25.36 22.29
N GLU B 371 -21.11 26.32 23.20
CA GLU B 371 -21.52 27.67 22.88
C GLU B 371 -22.80 27.71 22.05
N GLY B 372 -23.76 26.91 22.50
CA GLY B 372 -25.10 26.94 21.94
C GLY B 372 -25.32 26.09 20.69
N GLN B 373 -24.28 25.40 20.21
CA GLN B 373 -24.42 24.58 19.02
C GLN B 373 -24.07 23.13 19.32
N ALA B 374 -24.78 22.20 18.68
CA ALA B 374 -24.42 20.80 18.82
C ALA B 374 -23.03 20.59 18.24
N ALA B 375 -22.17 19.88 18.97
CA ALA B 375 -20.83 19.56 18.57
C ALA B 375 -20.71 18.08 18.32
N PHE B 377 -17.88 14.87 16.89
CA PHE B 377 -16.57 14.33 16.53
C PHE B 377 -16.76 13.34 15.37
N HIS B 378 -15.95 13.48 14.34
CA HIS B 378 -16.07 12.58 13.17
C HIS B 378 -14.86 12.66 12.28
N ASN B 379 -14.62 11.59 11.52
CA ASN B 379 -13.60 11.65 10.48
C ASN B 379 -14.34 11.66 9.13
N TRP B 381 -14.45 13.10 4.79
CA TRP B 381 -13.73 13.52 3.60
C TRP B 381 -14.03 14.98 3.29
N GLY B 382 -15.07 15.27 2.50
CA GLY B 382 -15.25 16.62 1.97
C GLY B 382 -16.69 17.07 1.95
N ILE B 383 -16.86 18.37 1.77
CA ILE B 383 -18.14 18.99 1.51
C ILE B 383 -18.34 18.95 -0.02
N ARG B 384 -19.50 18.43 -0.43
CA ARG B 384 -19.87 18.37 -1.85
C ARG B 384 -20.11 19.79 -2.31
N THR B 385 -19.45 20.20 -3.40
CA THR B 385 -19.58 21.54 -3.95
C THR B 385 -19.76 21.51 -5.48
N HIS B 386 -20.28 22.59 -6.04
CA HIS B 386 -20.26 22.83 -7.49
C HIS B 386 -19.80 24.27 -7.68
N ARG B 387 -18.81 24.46 -8.55
CA ARG B 387 -18.34 25.82 -8.92
C ARG B 387 -17.99 25.88 -10.39
N GLY B 388 -18.34 27.00 -11.04
CA GLY B 388 -18.12 27.16 -12.48
C GLY B 388 -18.76 26.05 -13.28
N GLY B 389 -19.79 25.42 -12.70
CA GLY B 389 -20.49 24.32 -13.35
C GLY B 389 -19.79 22.98 -13.27
N VAL B 390 -18.75 22.89 -12.43
CA VAL B 390 -18.02 21.63 -12.22
C VAL B 390 -18.03 21.20 -10.72
N GLU B 391 -18.32 19.92 -10.52
CA GLU B 391 -18.45 19.27 -9.23
C GLU B 391 -17.12 19.22 -8.52
N GLY B 392 -17.13 19.53 -7.21
CA GLY B 392 -15.92 19.46 -6.40
C GLY B 392 -16.17 18.86 -5.03
N ARG B 393 -15.08 18.79 -4.28
CA ARG B 393 -15.10 18.43 -2.86
C ARG B 393 -14.22 19.43 -2.16
N TYR B 394 -14.72 20.02 -1.09
CA TYR B 394 -13.90 20.81 -0.18
C TYR B 394 -13.46 19.89 0.97
N VAL B 395 -12.18 19.49 0.94
CA VAL B 395 -11.73 18.37 1.74
C VAL B 395 -11.25 18.83 3.10
N LEU B 396 -11.77 18.20 4.13
CA LEU B 396 -11.21 18.27 5.47
CA LEU B 396 -11.23 18.28 5.46
C LEU B 396 -10.37 17.03 5.69
N GLY B 397 -10.88 15.86 5.31
CA GLY B 397 -10.03 14.68 5.20
C GLY B 397 -9.36 14.18 6.47
N ARG B 398 -10.03 14.35 7.59
CA ARG B 398 -9.42 14.00 8.84
C ARG B 398 -10.39 14.05 9.98
N ALA B 399 -9.95 13.55 11.14
CA ALA B 399 -10.78 13.56 12.35
C ALA B 399 -10.84 14.99 12.93
N VAL B 400 -12.06 15.50 13.10
CA VAL B 400 -12.33 16.88 13.52
C VAL B 400 -13.53 16.94 14.43
N VAL B 401 -13.66 18.09 15.10
CA VAL B 401 -14.86 18.45 15.84
C VAL B 401 -15.46 19.64 15.15
N THR B 402 -16.73 19.53 14.78
CA THR B 402 -17.43 20.60 14.13
C THR B 402 -18.86 20.67 14.66
N SER B 403 -19.59 21.63 14.12
CA SER B 403 -21.03 21.71 14.24
C SER B 403 -21.68 20.68 13.33
N THR B 404 -23.01 20.68 13.31
CA THR B 404 -23.74 19.83 12.37
C THR B 404 -23.73 20.40 10.95
N ARG B 405 -23.16 21.59 10.78
CA ARG B 405 -23.02 22.25 9.47
C ARG B 405 -21.58 22.77 9.24
N PRO B 406 -20.60 21.86 9.18
CA PRO B 406 -19.21 22.27 9.00
C PRO B 406 -18.99 23.02 7.70
N GLY B 407 -19.82 22.79 6.70
CA GLY B 407 -19.57 23.44 5.40
C GLY B 407 -20.31 24.74 5.12
N LEU B 408 -20.88 25.34 6.16
CA LEU B 408 -21.74 26.53 6.02
C LEU B 408 -21.05 27.63 5.20
N ASP B 409 -19.77 27.88 5.50
CA ASP B 409 -18.92 28.90 4.86
C ASP B 409 -18.31 28.50 3.49
N VAL B 410 -18.51 27.25 3.06
CA VAL B 410 -17.79 26.76 1.90
C VAL B 410 -18.58 27.17 0.65
N PRO B 411 -17.92 27.87 -0.26
CA PRO B 411 -18.62 28.24 -1.50
C PRO B 411 -19.04 27.03 -2.33
N GLY B 412 -20.26 27.04 -2.83
CA GLY B 412 -20.72 25.99 -3.70
C GLY B 412 -21.26 24.80 -2.96
N ASN B 413 -21.40 24.89 -1.63
CA ASN B 413 -21.92 23.76 -0.84
C ASN B 413 -23.26 23.32 -1.44
N ASP B 414 -23.35 22.06 -1.83
CA ASP B 414 -24.56 21.55 -2.48
C ASP B 414 -25.73 21.41 -1.52
N ASN B 415 -25.45 21.19 -0.23
CA ASN B 415 -26.48 21.00 0.81
C ASN B 415 -26.88 22.35 1.39
N ALA B 416 -28.08 22.83 1.06
CA ALA B 416 -28.52 24.16 1.52
C ALA B 416 -28.55 24.25 3.05
N ASP B 417 -28.77 23.12 3.71
CA ASP B 417 -28.82 23.01 5.16
C ASP B 417 -27.70 22.12 5.69
N GLY B 418 -26.66 21.89 4.88
CA GLY B 418 -25.51 21.15 5.32
C GLY B 418 -25.76 19.68 5.61
N LEU B 419 -24.79 19.07 6.29
CA LEU B 419 -24.91 17.71 6.71
C LEU B 419 -26.16 17.52 7.58
N LEU B 420 -26.37 18.46 8.52
CA LEU B 420 -27.60 18.48 9.34
C LEU B 420 -28.87 18.16 8.53
N GLY B 421 -29.01 18.83 7.40
CA GLY B 421 -30.19 18.69 6.53
C GLY B 421 -30.36 17.26 6.04
N ARG B 422 -29.26 16.52 5.88
CA ARG B 422 -29.29 15.16 5.36
C ARG B 422 -29.45 14.12 6.48
N GLN B 424 -30.83 11.68 9.26
CA GLN B 424 -32.04 10.85 9.32
C GLN B 424 -32.36 10.40 10.73
N GLY B 425 -31.35 10.24 11.56
CA GLY B 425 -31.57 9.68 12.87
C GLY B 425 -30.41 9.86 13.81
N SER B 427 -28.72 7.66 17.21
CA SER B 427 -28.61 6.36 17.84
CA SER B 427 -28.61 6.34 17.85
C SER B 427 -27.98 6.50 19.22
N ILE B 428 -28.78 6.31 20.27
CA ILE B 428 -28.33 6.52 21.63
C ILE B 428 -27.85 5.20 22.17
N LEU B 429 -26.55 5.11 22.41
CA LEU B 429 -25.91 3.91 22.90
C LEU B 429 -26.07 3.70 24.42
N PRO B 430 -26.04 2.45 24.88
CA PRO B 430 -25.88 1.21 24.15
C PRO B 430 -27.24 0.57 23.85
N GLY B 431 -27.19 -0.52 23.11
CA GLY B 431 -28.32 -1.46 23.04
C GLY B 431 -28.01 -2.75 23.79
#